data_4IA6
#
_entry.id   4IA6
#
_cell.length_a   165.100
_cell.length_b   77.740
_cell.length_c   104.810
_cell.angle_alpha   90.000
_cell.angle_beta   90.000
_cell.angle_gamma   90.000
#
_symmetry.space_group_name_H-M   'P 21 21 2'
#
loop_
_entity.id
_entity.type
_entity.pdbx_description
1 polymer 'Myosin-crossreactive antigen'
2 non-polymer (4R)-2-METHYLPENTANE-2,4-DIOL
3 non-polymer (4S)-2-METHYL-2,4-PENTANEDIOL
4 non-polymer GLYCEROL
5 non-polymer 'LINOLEIC ACID'
6 non-polymer 'SODIUM ION'
7 non-polymer 'PHOSPHATE ION'
8 non-polymer '2-(N-MORPHOLINO)-ETHANESULFONIC ACID'
9 non-polymer 'POTASSIUM ION'
10 non-polymer 2-AMINO-2-HYDROXYMETHYL-PROPANE-1,3-DIOL
11 non-polymer 'NITRATE ION'
12 water water
#
_entity_poly.entity_id   1
_entity_poly.type   'polypeptide(L)'
_entity_poly.pdbx_seq_one_letter_code
;MYYSNGNYEAFADPKKPAGVDKKSAYIIGSGLAGLSTAVFLVRDAQMKGENIHILEELPVAGGSLDGADRPNAGFVVRGG
REMENHFECLWDMYRSIPSLEVPGASYLDEYYWLDKEDPNSSNCRLIYNRGDRLPSDGQYGLGKCANEIVKLIMTPEKEI
EGQTIEEFFSDEFFKTNFWTYWSTMFAFEKWHSLAEMRRYAMRFIHHIDGLPDFTALKFNKYNQYESMVKPLLAYLKDHG
VQFEYDCHVKNVEVDHEGDSKIAKKIVMTQNGKDKEIDLTHNDIVFVTNGSITESSTYGDQNTPAPITNAKGDSWKLWEN
LAKQDPAFGHPDVFCENLPERSWFVSATATLENKKLAPYFERLTKRSLYDGKVNTGGIITIVDSNWELSFTIHRQPHFKS
QNPDQIVVWIYALYSDTEGNYIKKRIVDCTGKEIAEELLYHLGVPESQISELASEENMNTVPVYMPYITSYFMPRRDGDR
PDVVPEGSINLAFIGNFAESPTRDTVFTTEYSVRTAMEAVYTLLNVDRGVPEVFDSIYDIRQLLRAMYYMSDKKKLADQD
MPLPEKLAVKTGMRKIKKTWVEELLKEANLV
;
_entity_poly.pdbx_strand_id   A,B
#
loop_
_chem_comp.id
_chem_comp.type
_chem_comp.name
_chem_comp.formula
EIC non-polymer 'LINOLEIC ACID' 'C18 H32 O2'
GOL non-polymer GLYCEROL 'C3 H8 O3'
K non-polymer 'POTASSIUM ION' 'K 1'
MES non-polymer '2-(N-MORPHOLINO)-ETHANESULFONIC ACID' 'C6 H13 N O4 S'
MPD non-polymer (4S)-2-METHYL-2,4-PENTANEDIOL 'C6 H14 O2'
MRD non-polymer (4R)-2-METHYLPENTANE-2,4-DIOL 'C6 H14 O2'
NA non-polymer 'SODIUM ION' 'Na 1'
NO3 non-polymer 'NITRATE ION' 'N O3 -1'
PO4 non-polymer 'PHOSPHATE ION' 'O4 P -3'
TRS non-polymer 2-AMINO-2-HYDROXYMETHYL-PROPANE-1,3-DIOL 'C4 H12 N O3 1'
#
# COMPACT_ATOMS: atom_id res chain seq x y z
N MET A 1 -14.56 -1.25 13.53
CA MET A 1 -13.57 -1.54 12.48
C MET A 1 -12.75 -0.29 12.22
N TYR A 2 -11.62 -0.45 11.53
CA TYR A 2 -10.77 0.71 11.25
C TYR A 2 -10.14 0.59 9.87
N TYR A 3 -9.74 1.73 9.34
CA TYR A 3 -9.12 1.80 8.01
C TYR A 3 -7.62 1.86 8.14
N SER A 4 -6.91 1.38 7.12
CA SER A 4 -5.44 1.37 7.18
C SER A 4 -4.89 1.55 5.77
N ASN A 5 -3.57 1.65 5.65
CA ASN A 5 -2.89 1.52 4.37
C ASN A 5 -1.53 0.85 4.66
N GLY A 6 -0.78 0.51 3.62
CA GLY A 6 0.59 0.01 3.80
C GLY A 6 0.65 -1.51 3.89
N ASN A 7 1.86 -2.05 3.83
CA ASN A 7 2.06 -3.50 3.81
C ASN A 7 1.80 -4.22 5.13
N TYR A 8 2.07 -3.57 6.27
CA TYR A 8 1.96 -4.24 7.58
C TYR A 8 0.54 -4.74 7.74
N GLU A 9 -0.45 -3.86 7.52
CA GLU A 9 -1.84 -4.29 7.64
C GLU A 9 -2.28 -5.14 6.45
N ALA A 10 -1.68 -4.94 5.29
CA ALA A 10 -2.03 -5.80 4.14
C ALA A 10 -1.68 -7.27 4.39
N PHE A 11 -0.48 -7.51 4.89
CA PHE A 11 0.03 -8.88 4.98
C PHE A 11 -0.45 -9.56 6.26
N ALA A 12 -0.84 -8.78 7.26
CA ALA A 12 -1.30 -9.38 8.55
C ALA A 12 -2.59 -10.20 8.45
N ASP A 13 -2.64 -11.29 9.19
N ASP A 13 -2.64 -11.29 9.22
CA ASP A 13 -3.86 -12.10 9.26
CA ASP A 13 -3.81 -12.20 9.32
C ASP A 13 -4.55 -11.79 10.58
C ASP A 13 -4.55 -11.85 10.61
N PRO A 14 -5.87 -11.59 10.55
CA PRO A 14 -6.55 -11.31 11.82
C PRO A 14 -6.71 -12.56 12.67
N LYS A 15 -6.67 -12.35 13.98
CA LYS A 15 -7.12 -13.39 14.92
C LYS A 15 -8.57 -13.79 14.66
N LYS A 16 -8.92 -15.04 15.01
CA LYS A 16 -10.33 -15.42 14.95
C LYS A 16 -11.12 -14.55 15.93
N PRO A 17 -12.12 -13.80 15.44
CA PRO A 17 -12.90 -12.99 16.39
C PRO A 17 -13.76 -13.81 17.36
N ALA A 18 -13.96 -13.26 18.56
CA ALA A 18 -14.75 -13.93 19.58
C ALA A 18 -16.19 -14.14 19.14
N GLY A 19 -16.75 -15.30 19.44
CA GLY A 19 -18.18 -15.49 19.27
C GLY A 19 -18.60 -16.04 17.92
N VAL A 20 -17.69 -16.04 16.94
CA VAL A 20 -18.09 -16.41 15.57
C VAL A 20 -18.62 -17.84 15.44
N ASP A 21 -18.15 -18.75 16.31
CA ASP A 21 -18.68 -20.13 16.29
C ASP A 21 -20.18 -20.18 16.50
N LYS A 22 -20.76 -19.16 17.12
CA LYS A 22 -22.20 -19.17 17.39
C LYS A 22 -23.00 -18.57 16.24
N LYS A 23 -22.29 -18.06 15.24
CA LYS A 23 -22.97 -17.24 14.22
C LYS A 23 -23.09 -17.89 12.85
N SER A 24 -24.09 -17.43 12.10
CA SER A 24 -24.34 -17.90 10.74
C SER A 24 -24.57 -16.68 9.87
N ALA A 25 -24.61 -16.88 8.55
CA ALA A 25 -24.81 -15.76 7.64
C ALA A 25 -25.76 -16.16 6.56
N TYR A 26 -26.56 -15.19 6.14
CA TYR A 26 -27.52 -15.36 5.06
C TYR A 26 -27.22 -14.24 4.09
N ILE A 27 -26.76 -14.61 2.91
CA ILE A 27 -26.30 -13.66 1.92
C ILE A 27 -27.31 -13.63 0.80
N ILE A 28 -27.95 -12.47 0.59
CA ILE A 28 -29.07 -12.43 -0.33
C ILE A 28 -28.56 -11.84 -1.63
N GLY A 29 -28.41 -12.69 -2.64
CA GLY A 29 -27.81 -12.27 -3.90
C GLY A 29 -26.44 -12.90 -4.08
N SER A 30 -26.21 -13.56 -5.22
CA SER A 30 -24.91 -14.24 -5.41
C SER A 30 -24.01 -13.55 -6.42
N GLY A 31 -24.18 -12.24 -6.56
CA GLY A 31 -23.30 -11.43 -7.36
C GLY A 31 -21.97 -11.28 -6.64
N LEU A 32 -21.06 -10.50 -7.21
CA LEU A 32 -19.73 -10.41 -6.64
C LEU A 32 -19.71 -9.94 -5.18
N ALA A 33 -20.56 -8.98 -4.81
CA ALA A 33 -20.55 -8.52 -3.41
C ALA A 33 -20.90 -9.67 -2.46
N GLY A 34 -21.87 -10.52 -2.85
CA GLY A 34 -22.29 -11.59 -1.96
C GLY A 34 -21.23 -12.68 -1.86
N LEU A 35 -20.67 -13.06 -3.02
CA LEU A 35 -19.58 -14.05 -3.01
C LEU A 35 -18.40 -13.55 -2.18
N SER A 36 -18.05 -12.27 -2.33
CA SER A 36 -16.94 -11.68 -1.59
C SER A 36 -17.24 -11.67 -0.08
N THR A 37 -18.50 -11.39 0.28
CA THR A 37 -18.90 -11.47 1.69
C THR A 37 -18.60 -12.86 2.21
N ALA A 38 -18.97 -13.88 1.44
CA ALA A 38 -18.68 -15.25 1.90
C ALA A 38 -17.18 -15.51 2.03
N VAL A 39 -16.39 -14.97 1.11
CA VAL A 39 -14.94 -15.14 1.22
C VAL A 39 -14.40 -14.53 2.52
N PHE A 40 -14.80 -13.31 2.81
CA PHE A 40 -14.29 -12.68 4.04
C PHE A 40 -14.79 -13.40 5.30
N LEU A 41 -16.00 -13.96 5.25
CA LEU A 41 -16.48 -14.70 6.39
C LEU A 41 -15.65 -15.97 6.61
N VAL A 42 -15.34 -16.66 5.50
CA VAL A 42 -14.57 -17.91 5.59
C VAL A 42 -13.13 -17.66 6.03
N ARG A 43 -12.51 -16.66 5.41
CA ARG A 43 -11.05 -16.50 5.53
C ARG A 43 -10.71 -15.71 6.79
N ASP A 44 -11.48 -14.65 7.05
CA ASP A 44 -11.04 -13.70 8.07
C ASP A 44 -11.86 -13.82 9.35
N ALA A 45 -13.18 -13.93 9.23
CA ALA A 45 -14.01 -14.13 10.41
C ALA A 45 -13.88 -15.58 10.89
N GLN A 46 -13.42 -16.46 10.01
CA GLN A 46 -13.36 -17.90 10.30
C GLN A 46 -14.69 -18.49 10.69
N MET A 47 -15.75 -17.99 10.04
CA MET A 47 -17.07 -18.59 10.18
C MET A 47 -17.04 -19.94 9.48
N LYS A 48 -17.72 -20.94 10.05
CA LYS A 48 -17.78 -22.26 9.42
C LYS A 48 -18.51 -22.17 8.08
N GLY A 49 -17.95 -22.79 7.03
CA GLY A 49 -18.55 -22.67 5.70
C GLY A 49 -20.00 -23.14 5.66
N GLU A 50 -20.28 -24.24 6.34
CA GLU A 50 -21.63 -24.78 6.34
C GLU A 50 -22.64 -23.89 7.10
N ASN A 51 -22.15 -22.85 7.77
CA ASN A 51 -23.00 -21.86 8.45
C ASN A 51 -23.27 -20.64 7.56
N ILE A 52 -22.69 -20.64 6.37
CA ILE A 52 -22.86 -19.55 5.40
C ILE A 52 -23.84 -19.99 4.30
N HIS A 53 -24.92 -19.24 4.13
CA HIS A 53 -25.94 -19.61 3.16
C HIS A 53 -26.08 -18.54 2.11
N ILE A 54 -25.74 -18.88 0.87
CA ILE A 54 -25.85 -17.91 -0.20
C ILE A 54 -27.17 -18.19 -0.92
N LEU A 55 -28.06 -17.20 -0.93
CA LEU A 55 -29.38 -17.40 -1.52
C LEU A 55 -29.38 -16.85 -2.93
N GLU A 56 -29.59 -17.76 -3.88
CA GLU A 56 -29.34 -17.52 -5.29
C GLU A 56 -30.68 -17.56 -6.01
N GLU A 57 -30.95 -16.52 -6.80
CA GLU A 57 -32.20 -16.38 -7.53
C GLU A 57 -32.36 -17.49 -8.56
N LEU A 58 -31.29 -17.79 -9.29
CA LEU A 58 -31.33 -18.76 -10.38
C LEU A 58 -31.42 -20.21 -9.90
N PRO A 59 -31.94 -21.11 -10.76
CA PRO A 59 -32.00 -22.53 -10.44
C PRO A 59 -30.66 -23.22 -10.63
N VAL A 60 -30.55 -24.43 -10.08
CA VAL A 60 -29.42 -25.30 -10.37
C VAL A 60 -29.42 -25.64 -11.86
N ALA A 73 -20.41 -16.95 -28.04
CA ALA A 73 -21.04 -15.81 -27.38
C ALA A 73 -22.53 -15.61 -27.70
N GLY A 74 -23.03 -14.45 -27.32
CA GLY A 74 -24.46 -14.20 -27.33
C GLY A 74 -24.90 -13.94 -25.90
N PHE A 75 -24.09 -14.39 -24.94
CA PHE A 75 -24.35 -14.01 -23.56
C PHE A 75 -23.65 -12.70 -23.21
N VAL A 76 -24.49 -11.70 -22.98
CA VAL A 76 -24.06 -10.33 -22.86
C VAL A 76 -23.98 -9.91 -21.39
N VAL A 77 -24.73 -10.59 -20.51
CA VAL A 77 -24.65 -10.25 -19.09
C VAL A 77 -23.80 -11.19 -18.21
N ARG A 78 -23.06 -12.10 -18.84
CA ARG A 78 -21.97 -12.79 -18.15
C ARG A 78 -20.71 -11.91 -18.25
N GLY A 79 -20.90 -10.70 -18.76
CA GLY A 79 -19.82 -9.79 -19.07
C GLY A 79 -19.51 -8.75 -18.00
N GLY A 80 -18.33 -8.17 -18.08
CA GLY A 80 -17.86 -7.39 -16.96
C GLY A 80 -17.14 -6.13 -17.38
N ARG A 81 -16.37 -5.59 -16.45
CA ARG A 81 -15.67 -4.34 -16.66
C ARG A 81 -14.17 -4.57 -16.43
N GLU A 82 -13.36 -3.64 -16.92
CA GLU A 82 -11.95 -3.55 -16.61
C GLU A 82 -11.68 -3.32 -15.11
N MET A 83 -10.42 -3.49 -14.67
CA MET A 83 -10.01 -3.11 -13.33
C MET A 83 -8.79 -2.22 -13.43
N GLU A 84 -8.22 -1.84 -12.29
CA GLU A 84 -6.98 -1.06 -12.29
C GLU A 84 -6.13 -1.53 -11.12
N ASN A 85 -4.86 -1.11 -11.09
CA ASN A 85 -3.97 -1.61 -10.02
C ASN A 85 -4.47 -1.28 -8.61
N HIS A 86 -5.07 -0.10 -8.41
CA HIS A 86 -5.51 0.28 -7.04
C HIS A 86 -6.93 -0.14 -6.62
N PHE A 87 -7.38 -1.31 -7.09
CA PHE A 87 -8.53 -1.97 -6.50
C PHE A 87 -8.04 -2.69 -5.23
N GLU A 88 -7.78 -1.93 -4.17
CA GLU A 88 -7.07 -2.45 -2.97
C GLU A 88 -7.75 -3.65 -2.29
N CYS A 89 -9.06 -3.51 -2.08
CA CYS A 89 -9.81 -4.60 -1.42
C CYS A 89 -9.93 -5.84 -2.31
N LEU A 90 -10.15 -5.62 -3.61
CA LEU A 90 -10.37 -6.73 -4.54
C LEU A 90 -9.10 -7.57 -4.67
N TRP A 91 -7.95 -6.90 -4.66
CA TRP A 91 -6.72 -7.68 -4.73
C TRP A 91 -6.42 -8.37 -3.40
N ASP A 92 -6.82 -7.71 -2.29
CA ASP A 92 -6.74 -8.39 -0.98
C ASP A 92 -7.54 -9.70 -1.05
N MET A 93 -8.70 -9.68 -1.71
CA MET A 93 -9.49 -10.90 -1.78
C MET A 93 -8.86 -11.92 -2.71
N TYR A 94 -8.52 -11.52 -3.94
CA TYR A 94 -8.14 -12.51 -4.94
C TYR A 94 -6.77 -13.10 -4.72
N ARG A 95 -5.91 -12.48 -3.91
CA ARG A 95 -4.66 -13.20 -3.59
C ARG A 95 -4.86 -14.50 -2.83
N SER A 96 -6.06 -14.70 -2.25
CA SER A 96 -6.37 -15.92 -1.47
C SER A 96 -7.18 -16.95 -2.25
N ILE A 97 -7.51 -16.63 -3.49
CA ILE A 97 -8.36 -17.47 -4.33
C ILE A 97 -7.48 -18.24 -5.35
N PRO A 98 -7.50 -19.59 -5.29
CA PRO A 98 -6.71 -20.36 -6.27
C PRO A 98 -7.20 -20.07 -7.69
N SER A 99 -6.23 -19.89 -8.59
CA SER A 99 -6.52 -19.79 -10.00
C SER A 99 -7.03 -21.12 -10.50
N LEU A 100 -7.98 -21.09 -11.42
CA LEU A 100 -8.45 -22.32 -12.04
C LEU A 100 -7.63 -22.58 -13.32
N GLU A 101 -7.12 -21.50 -13.90
CA GLU A 101 -6.40 -21.58 -15.18
C GLU A 101 -4.91 -21.87 -14.98
N VAL A 102 -4.38 -21.43 -13.85
CA VAL A 102 -2.97 -21.62 -13.53
C VAL A 102 -2.82 -22.37 -12.19
N PRO A 103 -2.86 -23.71 -12.23
CA PRO A 103 -2.82 -24.44 -10.97
C PRO A 103 -1.58 -24.15 -10.15
N GLY A 104 -1.78 -23.94 -8.86
CA GLY A 104 -0.69 -23.67 -7.94
C GLY A 104 -0.50 -22.19 -7.71
N ALA A 105 -1.22 -21.36 -8.47
CA ALA A 105 -1.07 -19.91 -8.31
C ALA A 105 -2.40 -19.33 -7.83
N SER A 106 -2.37 -18.11 -7.28
CA SER A 106 -3.60 -17.40 -6.94
C SER A 106 -4.24 -16.77 -8.18
N TYR A 107 -5.50 -16.35 -8.06
CA TYR A 107 -6.10 -15.62 -9.17
C TYR A 107 -5.34 -14.31 -9.44
N LEU A 108 -4.96 -13.61 -8.38
CA LEU A 108 -4.13 -12.42 -8.52
C LEU A 108 -2.91 -12.74 -9.36
N ASP A 109 -2.23 -13.86 -9.08
CA ASP A 109 -1.00 -14.21 -9.79
C ASP A 109 -1.29 -14.39 -11.28
N GLU A 110 -2.33 -15.16 -11.59
CA GLU A 110 -2.74 -15.36 -12.99
C GLU A 110 -2.94 -14.02 -13.70
N TYR A 111 -3.66 -13.12 -13.05
CA TYR A 111 -4.02 -11.86 -13.66
C TYR A 111 -2.83 -10.91 -13.84
N TYR A 112 -1.96 -10.89 -12.82
CA TYR A 112 -0.73 -10.08 -12.77
C TYR A 112 0.22 -10.50 -13.87
N TRP A 113 0.45 -11.80 -13.96
CA TRP A 113 1.31 -12.35 -15.00
C TRP A 113 0.72 -12.11 -16.39
N LEU A 114 -0.59 -12.30 -16.53
CA LEU A 114 -1.23 -12.04 -17.83
C LEU A 114 -1.02 -10.58 -18.25
N ASP A 115 -1.21 -9.67 -17.30
CA ASP A 115 -1.08 -8.24 -17.55
C ASP A 115 0.37 -7.90 -17.94
N LYS A 116 1.33 -8.62 -17.36
CA LYS A 116 2.73 -8.44 -17.76
C LYS A 116 3.06 -8.97 -19.15
N GLU A 117 2.52 -10.13 -19.54
N GLU A 117 2.47 -10.11 -19.51
CA GLU A 117 2.85 -10.64 -20.87
CA GLU A 117 2.74 -10.75 -20.79
C GLU A 117 2.05 -9.93 -21.96
C GLU A 117 2.00 -10.05 -21.94
N ASP A 118 0.84 -9.48 -21.62
CA ASP A 118 -0.07 -8.92 -22.62
C ASP A 118 -0.66 -7.61 -22.10
N PRO A 119 0.19 -6.60 -21.90
CA PRO A 119 -0.32 -5.35 -21.28
C PRO A 119 -1.32 -4.60 -22.15
N ASN A 120 -2.27 -3.92 -21.50
CA ASN A 120 -3.37 -3.30 -22.21
C ASN A 120 -3.00 -1.90 -22.69
N SER A 121 -3.33 -1.59 -23.96
CA SER A 121 -3.28 -0.21 -24.45
C SER A 121 -4.07 -0.14 -25.73
N SER A 122 -4.50 1.06 -26.07
CA SER A 122 -5.19 1.32 -27.33
C SER A 122 -4.32 2.10 -28.29
N ASN A 123 -4.29 1.68 -29.56
CA ASN A 123 -3.62 2.44 -30.62
C ASN A 123 -4.60 3.39 -31.32
N CYS A 124 -5.86 3.41 -30.87
CA CYS A 124 -6.87 4.19 -31.59
C CYS A 124 -8.10 4.24 -30.72
N ARG A 125 -8.39 5.42 -30.18
CA ARG A 125 -9.44 5.58 -29.20
C ARG A 125 -10.71 6.21 -29.75
N LEU A 126 -10.56 7.14 -30.69
CA LEU A 126 -11.68 7.91 -31.22
C LEU A 126 -11.64 7.91 -32.73
N ILE A 127 -12.77 7.57 -33.37
CA ILE A 127 -12.84 7.62 -34.83
C ILE A 127 -14.01 8.45 -35.30
N TYR A 128 -14.00 8.84 -36.59
CA TYR A 128 -15.10 9.62 -37.16
C TYR A 128 -15.00 9.55 -38.67
N ASN A 129 -15.96 10.15 -39.37
CA ASN A 129 -15.89 10.22 -40.81
C ASN A 129 -15.75 8.83 -41.42
N ARG A 130 -16.49 7.88 -40.85
CA ARG A 130 -16.52 6.52 -41.36
C ARG A 130 -15.14 5.88 -41.43
N GLY A 131 -14.38 5.97 -40.34
CA GLY A 131 -13.14 5.21 -40.28
C GLY A 131 -11.83 5.97 -40.09
N ASP A 132 -11.86 7.30 -40.09
CA ASP A 132 -10.63 8.06 -39.86
C ASP A 132 -10.38 8.16 -38.36
N ARG A 133 -9.12 8.20 -37.95
CA ARG A 133 -8.84 8.45 -36.52
C ARG A 133 -9.05 9.95 -36.26
N LEU A 134 -9.70 10.34 -35.16
CA LEU A 134 -9.89 11.77 -34.91
C LEU A 134 -8.51 12.42 -34.82
N PRO A 135 -8.27 13.53 -35.55
CA PRO A 135 -6.90 14.09 -35.56
C PRO A 135 -6.35 14.48 -34.18
N SER A 136 -7.22 14.85 -33.25
CA SER A 136 -6.75 15.23 -31.91
C SER A 136 -6.81 14.08 -30.92
N ASP A 137 -7.06 12.86 -31.41
CA ASP A 137 -7.08 11.70 -30.50
C ASP A 137 -5.76 11.62 -29.71
N GLY A 138 -5.85 11.42 -28.39
CA GLY A 138 -4.68 11.48 -27.54
C GLY A 138 -4.68 12.72 -26.65
N GLN A 139 -5.30 13.80 -27.14
CA GLN A 139 -5.34 15.07 -26.41
C GLN A 139 -6.60 15.17 -25.59
N TYR A 140 -6.50 15.78 -24.41
CA TYR A 140 -7.66 16.07 -23.61
C TYR A 140 -8.39 17.30 -24.14
N GLY A 141 -7.65 18.27 -24.65
CA GLY A 141 -8.26 19.46 -25.25
C GLY A 141 -9.16 20.26 -24.32
N LEU A 142 -8.82 20.32 -23.02
CA LEU A 142 -9.66 21.01 -22.04
C LEU A 142 -9.53 22.53 -22.09
N GLY A 143 -8.31 23.03 -22.33
CA GLY A 143 -8.07 24.47 -22.18
C GLY A 143 -8.54 24.95 -20.80
N LYS A 144 -9.20 26.11 -20.76
CA LYS A 144 -9.63 26.67 -19.49
C LYS A 144 -10.67 25.80 -18.75
N CYS A 145 -11.30 24.87 -19.48
CA CYS A 145 -12.27 23.96 -18.85
C CYS A 145 -11.59 23.08 -17.82
N ALA A 146 -10.26 22.91 -17.89
CA ALA A 146 -9.62 22.13 -16.83
C ALA A 146 -9.87 22.75 -15.45
N ASN A 147 -9.97 24.06 -15.41
N ASN A 147 -9.98 24.07 -15.40
CA ASN A 147 -10.24 24.74 -14.15
CA ASN A 147 -10.27 24.75 -14.13
C ASN A 147 -11.55 24.27 -13.51
C ASN A 147 -11.55 24.26 -13.50
N GLU A 148 -12.53 23.93 -14.35
CA GLU A 148 -13.82 23.42 -13.86
C GLU A 148 -13.62 22.12 -13.08
N ILE A 149 -12.75 21.25 -13.56
CA ILE A 149 -12.55 20.00 -12.87
C ILE A 149 -11.91 20.33 -11.52
N VAL A 150 -11.01 21.32 -11.52
CA VAL A 150 -10.32 21.64 -10.28
C VAL A 150 -11.36 22.18 -9.31
N LYS A 151 -12.26 23.02 -9.85
CA LYS A 151 -13.19 23.67 -8.96
C LYS A 151 -14.12 22.59 -8.40
N LEU A 152 -14.39 21.54 -9.19
CA LEU A 152 -15.31 20.50 -8.70
C LEU A 152 -14.65 19.76 -7.57
N ILE A 153 -13.35 19.52 -7.72
CA ILE A 153 -12.67 18.72 -6.70
C ILE A 153 -12.67 19.52 -5.39
N MET A 154 -12.56 20.84 -5.51
CA MET A 154 -12.48 21.72 -4.35
C MET A 154 -13.87 22.08 -3.80
N THR A 155 -14.92 21.52 -4.38
CA THR A 155 -16.27 21.72 -3.84
C THR A 155 -16.63 20.51 -2.98
N PRO A 156 -16.99 20.74 -1.71
CA PRO A 156 -17.29 19.61 -0.82
C PRO A 156 -18.47 18.77 -1.33
N GLU A 157 -18.38 17.46 -1.17
CA GLU A 157 -19.46 16.58 -1.62
C GLU A 157 -20.79 16.94 -0.97
N LYS A 158 -20.77 17.41 0.29
CA LYS A 158 -22.03 17.72 0.96
C LYS A 158 -22.72 18.97 0.38
N GLU A 159 -21.99 19.74 -0.42
CA GLU A 159 -22.59 20.92 -1.08
C GLU A 159 -23.26 20.61 -2.42
N ILE A 160 -23.05 19.41 -2.96
CA ILE A 160 -23.54 19.10 -4.30
C ILE A 160 -24.49 17.88 -4.34
N GLU A 161 -25.11 17.55 -3.21
CA GLU A 161 -26.09 16.46 -3.24
C GLU A 161 -27.25 16.78 -4.19
N GLY A 162 -27.71 15.75 -4.91
CA GLY A 162 -28.79 15.91 -5.89
C GLY A 162 -28.42 16.58 -7.20
N GLN A 163 -27.26 17.23 -7.28
CA GLN A 163 -26.85 17.98 -8.47
CA GLN A 163 -26.91 17.97 -8.50
C GLN A 163 -26.43 17.04 -9.61
N THR A 164 -26.65 17.47 -10.86
CA THR A 164 -26.24 16.68 -11.99
C THR A 164 -24.97 17.23 -12.61
N ILE A 165 -24.34 16.41 -13.44
CA ILE A 165 -23.14 16.80 -14.15
C ILE A 165 -23.38 18.04 -15.02
N GLU A 166 -24.49 18.09 -15.74
CA GLU A 166 -24.70 19.22 -16.65
C GLU A 166 -25.10 20.53 -15.97
N GLU A 167 -25.53 20.45 -14.71
CA GLU A 167 -25.82 21.64 -13.92
C GLU A 167 -24.54 22.32 -13.46
N PHE A 168 -23.44 21.58 -13.40
CA PHE A 168 -22.17 22.14 -12.93
C PHE A 168 -21.26 22.65 -14.06
N PHE A 169 -21.10 21.84 -15.10
CA PHE A 169 -20.13 22.16 -16.15
C PHE A 169 -20.63 23.05 -17.29
N SER A 170 -19.70 23.80 -17.90
CA SER A 170 -20.02 24.70 -19.03
C SER A 170 -20.37 23.94 -20.30
N ASP A 171 -21.03 24.63 -21.23
CA ASP A 171 -21.34 24.04 -22.53
C ASP A 171 -20.06 23.63 -23.23
N GLU A 172 -19.07 24.50 -23.12
N GLU A 172 -19.06 24.49 -23.12
CA GLU A 172 -17.76 24.29 -23.69
CA GLU A 172 -17.75 24.26 -23.72
C GLU A 172 -17.14 22.97 -23.22
C GLU A 172 -17.13 22.96 -23.22
N PHE A 173 -17.25 22.69 -21.92
CA PHE A 173 -16.67 21.49 -21.31
C PHE A 173 -17.16 20.24 -22.01
N PHE A 174 -18.43 20.22 -22.37
CA PHE A 174 -19.00 18.99 -22.94
C PHE A 174 -18.54 18.77 -24.37
N LYS A 175 -17.91 19.79 -24.96
CA LYS A 175 -17.38 19.65 -26.32
C LYS A 175 -15.92 19.17 -26.33
N THR A 176 -15.33 18.96 -25.15
CA THR A 176 -13.89 18.62 -25.09
C THR A 176 -13.65 17.13 -25.32
N ASN A 177 -12.46 16.79 -25.83
CA ASN A 177 -12.12 15.37 -25.89
C ASN A 177 -12.21 14.72 -24.53
N PHE A 178 -11.78 15.43 -23.49
CA PHE A 178 -11.88 14.90 -22.14
C PHE A 178 -13.29 14.34 -21.89
N TRP A 179 -14.32 15.13 -22.20
CA TRP A 179 -15.68 14.68 -21.88
C TRP A 179 -16.02 13.44 -22.72
N THR A 180 -15.61 13.42 -23.97
CA THR A 180 -15.85 12.23 -24.82
C THR A 180 -15.25 10.97 -24.19
N TYR A 181 -13.95 11.05 -23.81
CA TYR A 181 -13.27 9.90 -23.22
C TYR A 181 -13.99 9.47 -21.95
N TRP A 182 -14.33 10.46 -21.14
CA TRP A 182 -14.81 10.23 -19.78
C TRP A 182 -16.22 9.64 -19.77
N SER A 183 -17.13 10.31 -20.49
CA SER A 183 -18.52 9.88 -20.56
C SER A 183 -18.58 8.49 -21.15
N THR A 184 -17.82 8.25 -22.23
CA THR A 184 -17.94 6.92 -22.84
C THR A 184 -17.27 5.81 -22.05
N MET A 185 -16.08 6.04 -21.51
CA MET A 185 -15.41 4.93 -20.86
C MET A 185 -16.05 4.59 -19.54
N PHE A 186 -16.73 5.57 -18.92
CA PHE A 186 -17.33 5.32 -17.60
C PHE A 186 -18.86 5.17 -17.62
N ALA A 187 -19.47 5.48 -18.76
CA ALA A 187 -20.91 5.56 -18.91
C ALA A 187 -21.55 6.64 -18.01
N PHE A 188 -20.93 7.82 -17.98
CA PHE A 188 -21.56 8.98 -17.36
C PHE A 188 -22.43 9.68 -18.36
N GLU A 189 -23.70 9.85 -18.02
CA GLU A 189 -24.61 10.67 -18.80
C GLU A 189 -24.69 12.05 -18.17
N LYS A 190 -25.16 13.04 -18.91
CA LYS A 190 -25.08 14.40 -18.44
C LYS A 190 -25.99 14.63 -17.25
N TRP A 191 -27.01 13.78 -17.10
CA TRP A 191 -27.99 13.98 -16.02
C TRP A 191 -27.62 13.12 -14.81
N HIS A 192 -26.43 12.52 -14.83
CA HIS A 192 -26.03 11.66 -13.72
C HIS A 192 -25.50 12.45 -12.55
N SER A 193 -25.23 11.75 -11.43
CA SER A 193 -24.69 12.33 -10.20
C SER A 193 -23.39 13.13 -10.35
N LEU A 194 -23.43 14.43 -10.07
CA LEU A 194 -22.18 15.21 -10.04
C LEU A 194 -21.23 14.72 -8.96
N ALA A 195 -21.77 14.34 -7.82
CA ALA A 195 -20.95 13.83 -6.72
C ALA A 195 -20.19 12.58 -7.14
N GLU A 196 -20.84 11.68 -7.90
CA GLU A 196 -20.13 10.48 -8.37
C GLU A 196 -19.05 10.84 -9.37
N MET A 197 -19.32 11.79 -10.26
CA MET A 197 -18.27 12.20 -11.19
C MET A 197 -17.06 12.78 -10.45
N ARG A 198 -17.34 13.62 -9.45
CA ARG A 198 -16.29 14.09 -8.55
C ARG A 198 -15.54 12.95 -7.85
N ARG A 199 -16.25 11.98 -7.32
CA ARG A 199 -15.58 10.79 -6.76
C ARG A 199 -14.69 10.10 -7.74
N TYR A 200 -15.10 9.97 -8.99
CA TYR A 200 -14.23 9.35 -10.01
C TYR A 200 -12.98 10.18 -10.28
N ALA A 201 -13.16 11.50 -10.37
CA ALA A 201 -12.01 12.35 -10.67
C ALA A 201 -11.02 12.25 -9.50
N MET A 202 -11.50 12.18 -8.26
CA MET A 202 -10.56 12.03 -7.15
C MET A 202 -9.94 10.64 -7.04
N ARG A 203 -10.78 9.64 -7.22
CA ARG A 203 -10.41 8.24 -7.04
C ARG A 203 -9.35 7.86 -8.05
N PHE A 204 -9.54 8.26 -9.30
CA PHE A 204 -8.65 7.77 -10.37
C PHE A 204 -7.67 8.80 -10.84
N ILE A 205 -7.35 9.75 -9.97
CA ILE A 205 -6.41 10.81 -10.34
C ILE A 205 -5.04 10.29 -10.81
N HIS A 206 -4.61 9.18 -10.20
CA HIS A 206 -3.31 8.59 -10.51
C HIS A 206 -3.24 8.01 -11.92
N HIS A 207 -4.38 7.98 -12.62
CA HIS A 207 -4.40 7.40 -13.94
C HIS A 207 -4.73 8.45 -14.98
N ILE A 208 -4.63 9.73 -14.62
CA ILE A 208 -4.87 10.75 -15.67
C ILE A 208 -3.92 10.58 -16.87
N ASP A 209 -2.70 10.10 -16.62
CA ASP A 209 -1.73 9.85 -17.70
C ASP A 209 -2.11 8.70 -18.61
N GLY A 210 -3.15 7.95 -18.27
CA GLY A 210 -3.42 6.71 -18.97
C GLY A 210 -4.86 6.53 -19.38
N LEU A 211 -5.61 7.62 -19.40
CA LEU A 211 -7.01 7.50 -19.81
C LEU A 211 -7.21 7.44 -21.33
N PRO A 212 -6.64 8.41 -22.10
CA PRO A 212 -6.95 8.38 -23.54
C PRO A 212 -6.45 7.12 -24.26
N ASP A 213 -5.41 6.48 -23.73
CA ASP A 213 -4.85 5.29 -24.42
C ASP A 213 -5.08 4.01 -23.62
N PHE A 214 -5.86 4.12 -22.54
CA PHE A 214 -6.24 2.97 -21.71
C PHE A 214 -5.06 2.17 -21.16
N THR A 215 -3.88 2.78 -21.05
CA THR A 215 -2.77 2.05 -20.45
C THR A 215 -3.03 1.84 -18.95
N ALA A 216 -3.98 2.59 -18.39
CA ALA A 216 -4.34 2.43 -16.98
C ALA A 216 -5.25 1.23 -16.72
N LEU A 217 -5.82 0.65 -17.78
CA LEU A 217 -6.77 -0.48 -17.60
C LEU A 217 -6.09 -1.85 -17.52
N LYS A 218 -6.72 -2.75 -16.76
CA LYS A 218 -6.32 -4.16 -16.78
C LYS A 218 -7.56 -4.99 -16.94
N PHE A 219 -7.42 -6.16 -17.56
CA PHE A 219 -8.58 -6.98 -17.91
C PHE A 219 -8.33 -8.43 -17.54
N ASN A 220 -9.39 -9.17 -17.24
CA ASN A 220 -9.27 -10.62 -16.99
C ASN A 220 -8.93 -11.35 -18.27
N LYS A 221 -8.52 -12.63 -18.15
CA LYS A 221 -8.30 -13.46 -19.33
C LYS A 221 -9.57 -13.61 -20.15
N TYR A 222 -10.66 -13.91 -19.45
CA TYR A 222 -11.93 -14.21 -20.09
C TYR A 222 -13.05 -13.33 -19.58
N ASN A 223 -14.28 -13.59 -20.05
CA ASN A 223 -15.47 -12.91 -19.54
C ASN A 223 -15.55 -12.98 -18.01
N GLN A 224 -16.25 -12.01 -17.40
CA GLN A 224 -16.31 -11.92 -15.95
C GLN A 224 -16.79 -13.21 -15.26
N TYR A 225 -17.77 -13.89 -15.80
CA TYR A 225 -18.22 -15.09 -15.08
C TYR A 225 -17.12 -16.15 -14.99
N GLU A 226 -16.54 -16.45 -16.16
CA GLU A 226 -15.48 -17.43 -16.28
C GLU A 226 -14.31 -17.05 -15.39
N SER A 227 -13.90 -15.80 -15.46
CA SER A 227 -12.60 -15.45 -14.87
C SER A 227 -12.71 -15.07 -13.40
N MET A 228 -13.72 -14.27 -13.08
CA MET A 228 -13.85 -13.73 -11.72
C MET A 228 -14.78 -14.56 -10.83
N VAL A 229 -15.81 -15.17 -11.42
CA VAL A 229 -16.80 -15.82 -10.57
C VAL A 229 -16.48 -17.26 -10.30
N LYS A 230 -16.15 -18.02 -11.34
CA LYS A 230 -15.85 -19.45 -11.15
C LYS A 230 -14.77 -19.77 -10.10
N PRO A 231 -13.67 -19.01 -10.04
CA PRO A 231 -12.69 -19.31 -8.98
C PRO A 231 -13.25 -19.06 -7.57
N LEU A 232 -14.10 -18.06 -7.44
CA LEU A 232 -14.77 -17.81 -6.16
C LEU A 232 -15.71 -18.96 -5.82
N LEU A 233 -16.50 -19.41 -6.80
CA LEU A 233 -17.41 -20.55 -6.56
C LEU A 233 -16.62 -21.77 -6.10
N ALA A 234 -15.47 -22.03 -6.73
CA ALA A 234 -14.70 -23.21 -6.41
C ALA A 234 -14.17 -23.11 -4.99
N TYR A 235 -13.65 -21.93 -4.64
CA TYR A 235 -13.09 -21.73 -3.32
C TYR A 235 -14.18 -21.89 -2.25
N LEU A 236 -15.34 -21.27 -2.48
CA LEU A 236 -16.41 -21.32 -1.46
C LEU A 236 -16.95 -22.74 -1.31
N LYS A 237 -17.23 -23.39 -2.43
CA LYS A 237 -17.63 -24.78 -2.40
C LYS A 237 -16.62 -25.63 -1.63
N ASP A 238 -15.33 -25.42 -1.85
CA ASP A 238 -14.30 -26.21 -1.18
C ASP A 238 -14.29 -25.99 0.33
N HIS A 239 -14.75 -24.82 0.78
CA HIS A 239 -14.86 -24.55 2.21
C HIS A 239 -16.25 -24.86 2.78
N GLY A 240 -17.07 -25.58 2.02
CA GLY A 240 -18.36 -26.04 2.50
C GLY A 240 -19.48 -25.01 2.58
N VAL A 241 -19.31 -23.87 1.89
CA VAL A 241 -20.34 -22.84 1.83
C VAL A 241 -21.62 -23.38 1.15
N GLN A 242 -22.79 -23.01 1.69
CA GLN A 242 -24.06 -23.55 1.20
C GLN A 242 -24.70 -22.65 0.14
N PHE A 243 -25.02 -23.21 -1.02
CA PHE A 243 -25.69 -22.44 -2.06
C PHE A 243 -27.14 -22.90 -2.21
N GLU A 244 -28.07 -21.96 -2.02
CA GLU A 244 -29.50 -22.25 -2.17
C GLU A 244 -29.96 -21.67 -3.48
N TYR A 245 -30.63 -22.50 -4.29
CA TYR A 245 -30.99 -22.06 -5.64
C TYR A 245 -32.48 -21.84 -5.77
N ASP A 246 -32.88 -21.16 -6.83
CA ASP A 246 -34.28 -20.83 -7.06
C ASP A 246 -34.91 -20.16 -5.84
N CYS A 247 -34.15 -19.25 -5.21
CA CYS A 247 -34.62 -18.49 -4.05
C CYS A 247 -35.11 -17.12 -4.43
N HIS A 248 -36.38 -16.84 -4.16
CA HIS A 248 -36.88 -15.50 -4.39
C HIS A 248 -37.29 -14.82 -3.07
N VAL A 249 -36.37 -14.04 -2.52
CA VAL A 249 -36.59 -13.38 -1.23
C VAL A 249 -37.54 -12.20 -1.38
N LYS A 250 -38.69 -12.29 -0.73
CA LYS A 250 -39.70 -11.24 -0.83
C LYS A 250 -39.45 -10.18 0.23
N ASN A 251 -38.95 -10.59 1.40
CA ASN A 251 -38.74 -9.57 2.44
C ASN A 251 -37.77 -10.06 3.49
N VAL A 252 -37.18 -9.11 4.21
CA VAL A 252 -36.52 -9.42 5.46
C VAL A 252 -37.25 -8.58 6.48
N GLU A 253 -37.94 -9.24 7.40
CA GLU A 253 -38.71 -8.57 8.42
C GLU A 253 -37.74 -8.21 9.52
N VAL A 254 -37.74 -6.93 9.85
CA VAL A 254 -36.82 -6.35 10.82
C VAL A 254 -37.55 -5.84 12.07
N ASP A 255 -37.11 -6.29 13.24
CA ASP A 255 -37.62 -5.84 14.54
C ASP A 255 -36.89 -4.58 15.00
N HIS A 256 -37.62 -3.73 15.70
CA HIS A 256 -37.05 -2.53 16.27
C HIS A 256 -37.21 -2.62 17.79
N GLU A 257 -36.10 -2.50 18.50
CA GLU A 257 -36.17 -2.36 19.94
C GLU A 257 -35.24 -1.24 20.36
N GLY A 258 -35.81 -0.16 20.87
CA GLY A 258 -35.03 1.04 21.15
C GLY A 258 -34.44 1.54 19.85
N ASP A 259 -33.14 1.79 19.83
CA ASP A 259 -32.48 2.22 18.59
C ASP A 259 -31.92 1.03 17.81
N SER A 260 -32.11 -0.16 18.33
CA SER A 260 -31.59 -1.35 17.69
C SER A 260 -32.51 -1.85 16.59
N LYS A 261 -31.88 -2.37 15.54
CA LYS A 261 -32.55 -2.97 14.41
C LYS A 261 -32.05 -4.42 14.26
N ILE A 262 -32.98 -5.38 14.25
CA ILE A 262 -32.60 -6.79 14.25
C ILE A 262 -33.38 -7.54 13.17
N ALA A 263 -32.68 -8.11 12.19
CA ALA A 263 -33.38 -8.91 11.18
C ALA A 263 -33.98 -10.09 11.90
N LYS A 264 -35.25 -10.37 11.63
CA LYS A 264 -35.99 -11.31 12.42
C LYS A 264 -36.48 -12.47 11.57
N LYS A 265 -36.79 -12.19 10.30
CA LYS A 265 -37.30 -13.27 9.45
C LYS A 265 -37.02 -13.04 7.96
N ILE A 266 -36.55 -14.07 7.25
CA ILE A 266 -36.45 -13.98 5.79
C ILE A 266 -37.65 -14.66 5.18
N VAL A 267 -38.35 -13.95 4.29
CA VAL A 267 -39.56 -14.44 3.67
C VAL A 267 -39.25 -14.64 2.21
N MET A 268 -39.46 -15.87 1.74
CA MET A 268 -39.08 -16.17 0.35
C MET A 268 -39.91 -17.26 -0.26
N THR A 269 -39.76 -17.40 -1.57
CA THR A 269 -40.35 -18.52 -2.29
C THR A 269 -39.18 -19.27 -2.90
N GLN A 270 -39.20 -20.59 -2.79
CA GLN A 270 -38.12 -21.42 -3.37
C GLN A 270 -38.72 -22.72 -3.87
N ASN A 271 -38.34 -23.11 -5.09
CA ASN A 271 -38.94 -24.26 -5.76
C ASN A 271 -40.45 -24.22 -5.71
N GLY A 272 -41.00 -23.01 -5.83
CA GLY A 272 -42.44 -22.84 -5.92
C GLY A 272 -43.14 -22.85 -4.58
N LYS A 273 -42.36 -22.93 -3.51
CA LYS A 273 -42.92 -23.13 -2.17
C LYS A 273 -42.64 -21.91 -1.29
N ASP A 274 -43.64 -21.44 -0.55
CA ASP A 274 -43.43 -20.33 0.39
C ASP A 274 -42.69 -20.80 1.65
N LYS A 275 -41.53 -20.21 1.92
CA LYS A 275 -40.73 -20.53 3.10
C LYS A 275 -40.36 -19.29 3.92
N GLU A 276 -40.11 -19.53 5.21
CA GLU A 276 -39.60 -18.50 6.11
C GLU A 276 -38.38 -19.06 6.83
N ILE A 277 -37.38 -18.20 7.03
CA ILE A 277 -36.22 -18.51 7.85
C ILE A 277 -36.24 -17.58 9.07
N ASP A 278 -36.42 -18.17 10.25
CA ASP A 278 -36.43 -17.43 11.50
C ASP A 278 -35.00 -17.14 11.93
N LEU A 279 -34.74 -15.90 12.33
CA LEU A 279 -33.37 -15.48 12.64
C LEU A 279 -33.25 -15.05 14.08
N THR A 280 -32.04 -15.19 14.62
CA THR A 280 -31.69 -14.62 15.92
C THR A 280 -30.65 -13.55 15.65
N HIS A 281 -30.18 -12.87 16.71
CA HIS A 281 -29.21 -11.80 16.53
C HIS A 281 -27.87 -12.35 16.08
N ASN A 282 -27.70 -13.67 16.20
CA ASN A 282 -26.46 -14.32 15.76
C ASN A 282 -26.48 -14.81 14.32
N ASP A 283 -27.62 -14.62 13.65
CA ASP A 283 -27.73 -14.87 12.21
C ASP A 283 -27.57 -13.55 11.48
N ILE A 284 -26.50 -13.43 10.68
CA ILE A 284 -26.15 -12.13 10.12
C ILE A 284 -26.64 -12.07 8.66
N VAL A 285 -27.41 -11.04 8.32
CA VAL A 285 -28.01 -10.99 6.98
C VAL A 285 -27.34 -9.94 6.17
N PHE A 286 -26.94 -10.29 4.94
CA PHE A 286 -26.26 -9.36 4.04
C PHE A 286 -27.11 -9.22 2.77
N VAL A 287 -27.68 -8.05 2.55
CA VAL A 287 -28.58 -7.85 1.42
C VAL A 287 -27.90 -7.08 0.29
N THR A 288 -27.83 -7.68 -0.90
CA THR A 288 -27.43 -6.88 -2.07
C THR A 288 -28.67 -6.12 -2.53
N ASN A 289 -28.78 -4.86 -2.12
CA ASN A 289 -29.97 -4.08 -2.48
C ASN A 289 -29.85 -3.54 -3.92
N GLY A 290 -30.86 -3.83 -4.75
CA GLY A 290 -30.88 -3.30 -6.11
C GLY A 290 -30.03 -4.13 -7.06
N SER A 291 -30.28 -3.97 -8.37
CA SER A 291 -29.54 -4.67 -9.42
C SER A 291 -29.53 -3.88 -10.71
N ILE A 292 -28.38 -3.80 -11.38
CA ILE A 292 -28.32 -3.15 -12.68
C ILE A 292 -28.59 -4.13 -13.83
N THR A 293 -28.65 -5.42 -13.51
CA THR A 293 -28.88 -6.46 -14.56
C THR A 293 -30.31 -6.99 -14.60
N GLU A 294 -31.03 -6.84 -13.48
CA GLU A 294 -32.40 -7.33 -13.37
C GLU A 294 -33.29 -6.75 -14.46
N SER A 295 -34.20 -7.60 -14.95
CA SER A 295 -35.19 -7.25 -15.97
C SER A 295 -34.59 -7.08 -17.37
N SER A 296 -33.33 -7.49 -17.55
CA SER A 296 -32.75 -7.51 -18.88
C SER A 296 -33.57 -8.36 -19.81
N THR A 297 -33.73 -7.89 -21.05
CA THR A 297 -34.43 -8.65 -22.09
C THR A 297 -33.49 -8.90 -23.27
N TYR A 298 -33.86 -9.86 -24.12
CA TYR A 298 -32.94 -10.31 -25.15
C TYR A 298 -33.60 -10.31 -26.51
N GLY A 299 -32.87 -9.79 -27.50
CA GLY A 299 -33.23 -9.94 -28.90
C GLY A 299 -32.31 -10.98 -29.52
N ASP A 300 -32.16 -10.91 -30.84
CA ASP A 300 -31.19 -11.76 -31.53
C ASP A 300 -30.89 -11.12 -32.86
N GLN A 301 -30.26 -11.89 -33.75
CA GLN A 301 -29.82 -11.36 -35.04
C GLN A 301 -30.97 -10.67 -35.76
N ASN A 302 -32.17 -11.23 -35.61
CA ASN A 302 -33.33 -10.74 -36.34
C ASN A 302 -34.43 -10.10 -35.51
N THR A 303 -34.13 -9.71 -34.27
CA THR A 303 -35.16 -9.29 -33.34
C THR A 303 -34.66 -8.30 -32.32
N PRO A 304 -35.35 -7.15 -32.17
CA PRO A 304 -34.93 -6.23 -31.10
C PRO A 304 -35.18 -6.80 -29.71
N ALA A 305 -34.36 -6.43 -28.74
CA ALA A 305 -34.68 -6.72 -27.34
C ALA A 305 -35.89 -5.86 -26.94
N PRO A 306 -36.92 -6.49 -26.36
CA PRO A 306 -38.13 -5.79 -25.91
C PRO A 306 -37.85 -4.71 -24.85
N ILE A 307 -38.42 -3.52 -25.03
CA ILE A 307 -38.23 -2.42 -24.08
C ILE A 307 -39.07 -2.67 -22.81
N THR A 308 -38.47 -2.51 -21.62
CA THR A 308 -39.25 -2.69 -20.40
C THR A 308 -38.73 -1.83 -19.26
N ASN A 309 -39.60 -1.52 -18.30
CA ASN A 309 -39.12 -0.94 -17.03
C ASN A 309 -39.66 -1.73 -15.83
N ALA A 310 -39.90 -3.02 -16.05
CA ALA A 310 -40.34 -3.94 -15.00
C ALA A 310 -39.37 -3.98 -13.83
N LYS A 311 -39.91 -4.15 -12.63
CA LYS A 311 -39.08 -4.44 -11.46
C LYS A 311 -39.16 -5.93 -11.12
N GLY A 312 -38.01 -6.54 -10.81
CA GLY A 312 -37.98 -7.94 -10.38
C GLY A 312 -37.76 -8.08 -8.88
N ASP A 313 -37.28 -9.26 -8.47
CA ASP A 313 -37.11 -9.58 -7.06
C ASP A 313 -36.21 -8.58 -6.31
N SER A 314 -35.15 -8.11 -6.96
CA SER A 314 -34.16 -7.30 -6.26
C SER A 314 -34.75 -5.92 -5.91
N TRP A 315 -35.32 -5.27 -6.92
CA TRP A 315 -35.94 -3.97 -6.71
C TRP A 315 -37.12 -4.05 -5.74
N LYS A 316 -37.95 -5.08 -5.88
CA LYS A 316 -39.07 -5.26 -4.95
C LYS A 316 -38.62 -5.52 -3.51
N LEU A 317 -37.52 -6.26 -3.35
CA LEU A 317 -37.03 -6.57 -2.01
C LEU A 317 -36.56 -5.29 -1.38
N TRP A 318 -35.79 -4.50 -2.13
CA TRP A 318 -35.36 -3.23 -1.57
C TRP A 318 -36.55 -2.33 -1.23
N GLU A 319 -37.57 -2.27 -2.09
CA GLU A 319 -38.79 -1.52 -1.72
C GLU A 319 -39.42 -1.97 -0.39
N ASN A 320 -39.48 -3.29 -0.20
CA ASN A 320 -40.04 -3.83 1.02
C ASN A 320 -39.21 -3.56 2.25
N LEU A 321 -37.89 -3.47 2.10
CA LEU A 321 -37.05 -3.07 3.23
C LEU A 321 -37.16 -1.58 3.51
N ALA A 322 -37.15 -0.79 2.44
CA ALA A 322 -37.24 0.66 2.55
C ALA A 322 -38.48 1.07 3.32
N LYS A 323 -39.62 0.37 3.09
CA LYS A 323 -40.85 0.64 3.85
C LYS A 323 -40.74 0.52 5.36
N GLN A 324 -39.77 -0.27 5.83
CA GLN A 324 -39.68 -0.62 7.24
C GLN A 324 -38.85 0.31 8.08
N ASP A 325 -38.00 1.10 7.46
CA ASP A 325 -37.10 1.95 8.22
C ASP A 325 -36.51 3.02 7.32
N PRO A 326 -36.52 4.29 7.79
CA PRO A 326 -36.00 5.38 6.97
C PRO A 326 -34.50 5.30 6.69
N ALA A 327 -33.77 4.41 7.38
CA ALA A 327 -32.34 4.28 7.13
C ALA A 327 -32.06 3.17 6.11
N PHE A 328 -33.10 2.59 5.52
CA PHE A 328 -32.89 1.47 4.60
C PHE A 328 -32.91 1.86 3.12
N GLY A 329 -32.74 3.15 2.85
CA GLY A 329 -32.55 3.63 1.48
C GLY A 329 -33.82 3.95 0.71
N HIS A 330 -33.64 4.46 -0.52
CA HIS A 330 -34.75 4.91 -1.37
C HIS A 330 -34.58 4.38 -2.78
N PRO A 331 -35.05 3.13 -3.05
CA PRO A 331 -34.78 2.50 -4.35
C PRO A 331 -35.33 3.30 -5.54
N ASP A 332 -36.39 4.05 -5.31
CA ASP A 332 -37.06 4.79 -6.37
C ASP A 332 -36.16 5.74 -7.13
N VAL A 333 -35.17 6.32 -6.44
CA VAL A 333 -34.33 7.29 -7.14
C VAL A 333 -33.42 6.61 -8.15
N PHE A 334 -33.23 5.30 -8.02
CA PHE A 334 -32.32 4.59 -8.91
C PHE A 334 -33.01 3.83 -10.02
N CYS A 335 -34.25 3.43 -9.80
CA CYS A 335 -34.92 2.54 -10.74
C CYS A 335 -36.17 3.11 -11.41
N GLU A 336 -36.61 4.31 -11.01
CA GLU A 336 -37.80 4.89 -11.62
C GLU A 336 -37.45 6.10 -12.47
N ASN A 337 -38.18 6.27 -13.57
CA ASN A 337 -38.14 7.48 -14.37
C ASN A 337 -36.80 7.73 -15.02
N LEU A 338 -36.07 6.67 -15.41
CA LEU A 338 -34.82 6.90 -16.16
C LEU A 338 -35.16 7.46 -17.55
N PRO A 339 -34.38 8.45 -17.99
CA PRO A 339 -34.63 9.13 -19.28
C PRO A 339 -34.51 8.18 -20.46
N GLU A 340 -35.27 8.47 -21.52
CA GLU A 340 -35.24 7.71 -22.76
C GLU A 340 -33.86 7.68 -23.37
N ARG A 341 -33.08 8.74 -23.12
CA ARG A 341 -31.76 8.86 -23.73
C ARG A 341 -30.73 7.91 -23.12
N SER A 342 -31.02 7.34 -21.95
CA SER A 342 -30.07 6.50 -21.20
C SER A 342 -29.53 5.36 -22.03
N TRP A 343 -28.29 4.98 -21.75
CA TRP A 343 -27.75 3.71 -22.26
C TRP A 343 -28.68 2.62 -21.79
N PHE A 344 -29.15 1.78 -22.73
CA PHE A 344 -29.92 0.59 -22.38
C PHE A 344 -29.37 -0.64 -23.10
N VAL A 345 -28.87 -0.47 -24.32
CA VAL A 345 -28.58 -1.66 -25.15
C VAL A 345 -27.10 -1.94 -25.19
N SER A 346 -26.77 -3.21 -24.97
CA SER A 346 -25.42 -3.69 -25.27
C SER A 346 -25.57 -4.90 -26.18
N ALA A 347 -24.62 -5.12 -27.08
CA ALA A 347 -24.77 -6.25 -28.00
C ALA A 347 -23.45 -6.98 -28.16
N THR A 348 -23.47 -8.30 -28.33
CA THR A 348 -22.22 -8.95 -28.73
C THR A 348 -22.37 -9.37 -30.16
N ALA A 349 -21.34 -9.12 -30.94
CA ALA A 349 -21.33 -9.50 -32.34
C ALA A 349 -20.24 -10.52 -32.52
N THR A 350 -20.58 -11.69 -33.04
CA THR A 350 -19.60 -12.72 -33.25
C THR A 350 -19.25 -12.72 -34.71
N LEU A 351 -17.95 -12.49 -34.99
CA LEU A 351 -17.46 -12.55 -36.36
C LEU A 351 -17.23 -14.02 -36.64
N GLU A 352 -17.82 -14.54 -37.72
CA GLU A 352 -17.78 -15.97 -37.98
C GLU A 352 -16.59 -16.35 -38.84
N ASN A 353 -15.97 -15.35 -39.47
CA ASN A 353 -14.85 -15.63 -40.35
C ASN A 353 -13.96 -14.40 -40.38
N LYS A 354 -13.04 -14.31 -41.35
CA LYS A 354 -12.06 -13.23 -41.31
C LYS A 354 -12.37 -12.04 -42.25
N LYS A 355 -13.52 -12.07 -42.92
CA LYS A 355 -13.86 -11.04 -43.91
C LYS A 355 -13.81 -9.59 -43.40
N LEU A 356 -14.23 -9.38 -42.16
CA LEU A 356 -14.22 -8.03 -41.61
C LEU A 356 -12.95 -7.70 -40.84
N ALA A 357 -12.10 -8.70 -40.64
CA ALA A 357 -10.88 -8.46 -39.85
C ALA A 357 -10.12 -7.18 -40.26
N PRO A 358 -9.94 -6.93 -41.58
CA PRO A 358 -9.12 -5.76 -41.94
C PRO A 358 -9.71 -4.41 -41.48
N TYR A 359 -11.03 -4.34 -41.36
CA TYR A 359 -11.70 -3.13 -40.86
C TYR A 359 -11.43 -2.84 -39.41
N PHE A 360 -11.07 -3.86 -38.63
CA PHE A 360 -10.67 -3.66 -37.24
C PHE A 360 -9.14 -3.55 -37.10
N GLU A 361 -8.44 -4.39 -37.83
CA GLU A 361 -6.99 -4.41 -37.71
C GLU A 361 -6.41 -3.08 -38.20
N ARG A 362 -7.05 -2.43 -39.17
CA ARG A 362 -6.53 -1.13 -39.63
C ARG A 362 -6.59 -0.10 -38.51
N LEU A 363 -7.47 -0.32 -37.54
CA LEU A 363 -7.58 0.60 -36.41
C LEU A 363 -6.63 0.24 -35.28
N THR A 364 -6.63 -1.02 -34.89
CA THR A 364 -5.78 -1.43 -33.77
C THR A 364 -4.29 -1.59 -34.15
N LYS A 365 -4.02 -1.73 -35.45
CA LYS A 365 -2.69 -2.06 -35.95
C LYS A 365 -2.16 -3.39 -35.38
N ARG A 366 -3.05 -4.29 -35.00
CA ARG A 366 -2.65 -5.58 -34.45
C ARG A 366 -3.46 -6.67 -35.11
N SER A 367 -2.86 -7.85 -35.25
CA SER A 367 -3.60 -9.02 -35.70
C SER A 367 -4.71 -9.36 -34.67
N LEU A 368 -5.90 -9.68 -35.17
CA LEU A 368 -7.00 -10.10 -34.31
C LEU A 368 -6.82 -11.53 -33.82
N TYR A 369 -5.84 -12.24 -34.38
CA TYR A 369 -5.79 -13.70 -34.27
C TYR A 369 -4.61 -14.23 -33.48
N ASP A 370 -3.96 -13.38 -32.71
CA ASP A 370 -2.77 -13.81 -31.97
C ASP A 370 -3.01 -14.01 -30.47
N GLY A 371 -4.25 -13.87 -30.03
CA GLY A 371 -4.61 -14.09 -28.64
C GLY A 371 -4.24 -12.94 -27.72
N LYS A 372 -3.72 -11.84 -28.26
CA LYS A 372 -3.32 -10.72 -27.42
C LYS A 372 -4.29 -9.55 -27.56
N VAL A 373 -4.11 -8.55 -26.72
CA VAL A 373 -4.98 -7.36 -26.69
C VAL A 373 -5.24 -6.79 -28.08
N ASN A 374 -6.46 -6.32 -28.31
CA ASN A 374 -6.86 -5.79 -29.62
C ASN A 374 -7.17 -4.29 -29.58
N THR A 375 -8.42 -3.93 -29.28
CA THR A 375 -8.75 -2.50 -29.17
C THR A 375 -8.24 -1.87 -27.87
N GLY A 376 -7.93 -2.69 -26.87
CA GLY A 376 -7.42 -2.18 -25.62
C GLY A 376 -8.49 -1.47 -24.82
N GLY A 377 -9.76 -1.71 -25.17
CA GLY A 377 -10.88 -1.02 -24.55
C GLY A 377 -11.71 -0.41 -25.66
N ILE A 378 -12.74 0.38 -25.31
CA ILE A 378 -13.64 0.89 -26.36
C ILE A 378 -12.98 1.83 -27.35
N ILE A 379 -13.41 1.69 -28.59
CA ILE A 379 -13.24 2.74 -29.59
C ILE A 379 -14.59 3.44 -29.69
N THR A 380 -14.58 4.77 -29.64
CA THR A 380 -15.82 5.53 -29.76
C THR A 380 -15.91 6.20 -31.11
N ILE A 381 -17.07 6.07 -31.77
CA ILE A 381 -17.30 6.79 -33.02
C ILE A 381 -17.94 8.13 -32.69
N VAL A 382 -17.14 9.20 -32.73
CA VAL A 382 -17.59 10.46 -32.12
C VAL A 382 -18.67 11.16 -32.91
N ASP A 383 -18.76 10.87 -34.21
CA ASP A 383 -19.84 11.47 -34.99
C ASP A 383 -20.99 10.49 -35.27
N SER A 384 -21.04 9.40 -34.52
CA SER A 384 -22.20 8.50 -34.61
C SER A 384 -23.34 9.09 -33.79
N ASN A 385 -24.56 9.03 -34.31
CA ASN A 385 -25.69 9.63 -33.63
C ASN A 385 -25.99 8.94 -32.30
N TRP A 386 -25.73 7.64 -32.24
CA TRP A 386 -25.95 6.87 -31.01
C TRP A 386 -24.86 7.03 -29.94
N GLU A 387 -23.77 7.69 -30.29
CA GLU A 387 -22.54 7.66 -29.49
C GLU A 387 -22.16 6.20 -29.28
N LEU A 388 -21.97 5.54 -30.40
CA LEU A 388 -21.69 4.11 -30.47
C LEU A 388 -20.23 3.84 -30.15
N SER A 389 -19.97 2.90 -29.24
CA SER A 389 -18.60 2.49 -28.91
C SER A 389 -18.54 0.97 -29.04
N PHE A 390 -17.35 0.44 -29.33
CA PHE A 390 -17.18 -1.01 -29.42
C PHE A 390 -15.81 -1.42 -28.89
N THR A 391 -15.73 -2.65 -28.37
CA THR A 391 -14.44 -3.15 -27.93
C THR A 391 -14.23 -4.60 -28.31
N ILE A 392 -12.98 -4.93 -28.58
CA ILE A 392 -12.64 -6.34 -28.80
C ILE A 392 -11.58 -6.67 -27.74
N HIS A 393 -11.97 -7.48 -26.76
CA HIS A 393 -11.03 -7.93 -25.71
C HIS A 393 -9.98 -8.84 -26.30
N ARG A 394 -8.95 -9.18 -25.53
CA ARG A 394 -8.09 -10.28 -25.95
C ARG A 394 -8.97 -11.53 -26.12
N GLN A 395 -8.65 -12.39 -27.08
CA GLN A 395 -9.57 -13.47 -27.45
C GLN A 395 -8.93 -14.83 -27.16
N PRO A 396 -9.76 -15.85 -26.89
CA PRO A 396 -11.23 -15.83 -26.91
C PRO A 396 -11.73 -15.22 -25.63
N HIS A 397 -12.84 -14.48 -25.70
CA HIS A 397 -13.44 -13.90 -24.53
C HIS A 397 -14.30 -14.96 -23.84
N PHE A 398 -14.87 -15.88 -24.65
CA PHE A 398 -15.55 -17.07 -24.13
C PHE A 398 -14.82 -18.32 -24.57
N LYS A 399 -14.59 -19.23 -23.62
CA LYS A 399 -13.82 -20.42 -23.92
C LYS A 399 -14.51 -21.29 -24.97
N SER A 400 -15.82 -21.07 -25.17
CA SER A 400 -16.56 -21.86 -26.16
C SER A 400 -16.33 -21.41 -27.62
N GLN A 401 -15.69 -20.27 -27.82
CA GLN A 401 -15.44 -19.78 -29.18
C GLN A 401 -14.61 -20.77 -29.98
N ASN A 402 -14.99 -20.98 -31.24
CA ASN A 402 -14.15 -21.73 -32.15
C ASN A 402 -12.95 -20.85 -32.58
N PRO A 403 -11.92 -21.46 -33.18
CA PRO A 403 -10.71 -20.64 -33.38
C PRO A 403 -10.86 -19.50 -34.40
N ASP A 404 -11.90 -19.56 -35.22
CA ASP A 404 -12.11 -18.51 -36.21
C ASP A 404 -13.01 -17.38 -35.71
N GLN A 405 -13.61 -17.57 -34.53
CA GLN A 405 -14.57 -16.60 -34.03
C GLN A 405 -13.92 -15.51 -33.21
N ILE A 406 -14.43 -14.30 -33.39
CA ILE A 406 -13.97 -13.15 -32.62
C ILE A 406 -15.22 -12.46 -32.07
N VAL A 407 -15.25 -12.17 -30.77
CA VAL A 407 -16.43 -11.52 -30.19
C VAL A 407 -16.22 -10.03 -29.95
N VAL A 408 -17.11 -9.20 -30.51
CA VAL A 408 -17.00 -7.73 -30.43
C VAL A 408 -18.13 -7.25 -29.54
N TRP A 409 -17.87 -6.34 -28.62
CA TRP A 409 -18.95 -5.78 -27.81
C TRP A 409 -19.31 -4.44 -28.40
N ILE A 410 -20.60 -4.12 -28.37
CA ILE A 410 -21.11 -2.88 -28.96
C ILE A 410 -22.07 -2.23 -27.96
N TYR A 411 -21.90 -0.92 -27.74
CA TYR A 411 -22.82 -0.20 -26.85
C TYR A 411 -23.16 1.19 -27.38
N ALA A 412 -24.32 1.72 -26.99
CA ALA A 412 -24.72 3.07 -27.40
C ALA A 412 -24.98 3.91 -26.16
N LEU A 413 -24.28 5.03 -26.03
CA LEU A 413 -24.52 5.91 -24.89
C LEU A 413 -25.86 6.63 -25.00
N TYR A 414 -26.34 6.88 -26.23
CA TYR A 414 -27.65 7.55 -26.44
C TYR A 414 -28.68 6.62 -27.07
N SER A 415 -29.83 6.48 -26.41
CA SER A 415 -30.89 5.59 -26.87
C SER A 415 -32.07 6.29 -27.48
N ASP A 416 -31.99 7.60 -27.69
CA ASP A 416 -33.17 8.31 -28.19
C ASP A 416 -32.98 8.90 -29.59
N THR A 417 -31.86 8.57 -30.22
CA THR A 417 -31.51 9.14 -31.53
C THR A 417 -31.53 8.11 -32.65
N GLU A 418 -31.93 8.53 -33.84
CA GLU A 418 -31.88 7.64 -35.00
C GLU A 418 -30.43 7.53 -35.47
N GLY A 419 -30.06 6.37 -36.00
CA GLY A 419 -28.68 6.17 -36.43
C GLY A 419 -28.33 6.95 -37.71
N ASN A 420 -27.06 6.87 -38.10
CA ASN A 420 -26.62 7.57 -39.30
C ASN A 420 -26.99 6.78 -40.54
N TYR A 421 -26.97 5.45 -40.40
CA TYR A 421 -27.21 4.56 -41.53
C TYR A 421 -28.54 3.84 -41.39
N ILE A 422 -28.73 3.21 -40.23
CA ILE A 422 -30.01 2.62 -39.87
C ILE A 422 -30.76 3.69 -39.11
N LYS A 423 -31.84 4.19 -39.71
CA LYS A 423 -32.52 5.38 -39.20
C LYS A 423 -33.52 5.04 -38.10
N LYS A 424 -33.03 4.42 -37.02
CA LYS A 424 -33.84 3.97 -35.89
C LYS A 424 -33.11 4.23 -34.58
N ARG A 425 -33.84 4.37 -33.49
CA ARG A 425 -33.17 4.38 -32.20
C ARG A 425 -32.54 2.99 -32.02
N ILE A 426 -31.41 2.89 -31.32
CA ILE A 426 -30.81 1.57 -31.10
C ILE A 426 -31.80 0.63 -30.37
N VAL A 427 -32.66 1.19 -29.53
CA VAL A 427 -33.59 0.34 -28.77
C VAL A 427 -34.66 -0.30 -29.66
N ASP A 428 -34.76 0.18 -30.91
CA ASP A 428 -35.73 -0.41 -31.86
C ASP A 428 -35.07 -1.36 -32.89
N CYS A 429 -33.76 -1.59 -32.75
CA CYS A 429 -33.01 -2.33 -33.77
C CYS A 429 -32.84 -3.83 -33.46
N THR A 430 -32.82 -4.64 -34.52
CA THR A 430 -32.40 -6.04 -34.39
C THR A 430 -30.88 -6.06 -34.19
N GLY A 431 -30.33 -7.23 -33.87
CA GLY A 431 -28.87 -7.34 -33.82
C GLY A 431 -28.22 -7.04 -35.16
N LYS A 432 -28.77 -7.61 -36.23
CA LYS A 432 -28.22 -7.29 -37.54
C LYS A 432 -28.20 -5.77 -37.80
N GLU A 433 -29.26 -5.06 -37.45
CA GLU A 433 -29.24 -3.61 -37.66
C GLU A 433 -28.13 -2.88 -36.90
N ILE A 434 -27.91 -3.30 -35.66
CA ILE A 434 -26.85 -2.70 -34.86
C ILE A 434 -25.50 -2.93 -35.52
N ALA A 435 -25.31 -4.16 -36.00
CA ALA A 435 -24.09 -4.50 -36.75
C ALA A 435 -23.97 -3.65 -38.01
N GLU A 436 -25.07 -3.45 -38.73
CA GLU A 436 -25.01 -2.66 -39.97
C GLU A 436 -24.57 -1.22 -39.69
N GLU A 437 -25.13 -0.62 -38.64
CA GLU A 437 -24.73 0.72 -38.25
C GLU A 437 -23.21 0.75 -37.90
N LEU A 438 -22.75 -0.27 -37.16
CA LEU A 438 -21.30 -0.35 -36.91
C LEU A 438 -20.48 -0.41 -38.19
N LEU A 439 -20.86 -1.31 -39.10
CA LEU A 439 -20.09 -1.52 -40.32
C LEU A 439 -20.03 -0.22 -41.13
N TYR A 440 -21.15 0.49 -41.15
CA TYR A 440 -21.20 1.79 -41.82
C TYR A 440 -20.10 2.64 -41.22
N HIS A 441 -20.05 2.74 -39.90
CA HIS A 441 -19.03 3.64 -39.32
C HIS A 441 -17.58 3.17 -39.41
N LEU A 442 -17.41 1.88 -39.68
CA LEU A 442 -16.07 1.34 -39.90
C LEU A 442 -15.54 1.60 -41.31
N GLY A 443 -16.39 2.06 -42.21
CA GLY A 443 -15.97 2.32 -43.58
C GLY A 443 -16.23 1.18 -44.56
N VAL A 444 -17.04 0.20 -44.16
CA VAL A 444 -17.41 -0.88 -45.10
C VAL A 444 -18.30 -0.32 -46.23
N PRO A 445 -17.96 -0.59 -47.49
CA PRO A 445 -18.80 -0.04 -48.57
C PRO A 445 -20.27 -0.40 -48.36
N GLU A 446 -21.18 0.57 -48.56
CA GLU A 446 -22.58 0.35 -48.25
C GLU A 446 -23.19 -0.83 -49.01
N SER A 447 -22.64 -1.14 -50.18
CA SER A 447 -23.19 -2.20 -51.02
C SER A 447 -22.89 -3.59 -50.44
N GLN A 448 -21.93 -3.64 -49.50
CA GLN A 448 -21.50 -4.89 -48.89
C GLN A 448 -22.07 -5.06 -47.48
N ILE A 449 -22.64 -4.01 -46.91
CA ILE A 449 -22.97 -4.01 -45.48
C ILE A 449 -24.02 -5.06 -45.12
N SER A 450 -25.05 -5.15 -45.94
CA SER A 450 -26.15 -6.09 -45.69
C SER A 450 -25.63 -7.53 -45.62
N GLU A 451 -24.82 -7.92 -46.61
CA GLU A 451 -24.26 -9.26 -46.64
C GLU A 451 -23.24 -9.47 -45.50
N LEU A 452 -22.38 -8.49 -45.25
CA LEU A 452 -21.32 -8.68 -44.26
C LEU A 452 -21.88 -8.80 -42.85
N ALA A 453 -23.09 -8.27 -42.64
CA ALA A 453 -23.72 -8.30 -41.30
C ALA A 453 -24.66 -9.51 -41.15
N SER A 454 -24.86 -10.23 -42.26
N SER A 454 -24.83 -10.24 -42.26
CA SER A 454 -25.77 -11.38 -42.24
CA SER A 454 -25.73 -11.40 -42.27
C SER A 454 -25.14 -12.57 -41.54
C SER A 454 -25.12 -12.57 -41.51
N GLU A 455 -25.98 -13.52 -41.15
CA GLU A 455 -25.62 -14.61 -40.23
C GLU A 455 -24.43 -15.47 -40.64
N GLU A 456 -24.20 -15.63 -41.94
CA GLU A 456 -23.03 -16.41 -42.36
C GLU A 456 -21.73 -15.72 -41.91
N ASN A 457 -21.77 -14.40 -41.75
CA ASN A 457 -20.56 -13.63 -41.45
C ASN A 457 -20.49 -13.07 -40.03
N MET A 458 -21.66 -12.64 -39.54
CA MET A 458 -21.75 -12.07 -38.19
C MET A 458 -23.05 -12.52 -37.51
N ASN A 459 -22.99 -12.74 -36.21
CA ASN A 459 -24.21 -12.99 -35.45
C ASN A 459 -24.24 -12.03 -34.27
N THR A 460 -25.25 -11.18 -34.21
CA THR A 460 -25.23 -10.09 -33.24
C THR A 460 -26.45 -10.18 -32.34
N VAL A 461 -26.24 -10.18 -31.03
CA VAL A 461 -27.33 -10.38 -30.09
C VAL A 461 -27.38 -9.16 -29.17
N PRO A 462 -28.50 -8.40 -29.22
CA PRO A 462 -28.67 -7.22 -28.36
C PRO A 462 -29.40 -7.59 -27.08
N VAL A 463 -29.09 -6.84 -26.03
CA VAL A 463 -29.76 -6.99 -24.76
C VAL A 463 -30.19 -5.60 -24.33
N TYR A 464 -31.46 -5.50 -23.89
CA TYR A 464 -31.96 -4.26 -23.30
C TYR A 464 -31.94 -4.37 -21.77
N MET A 465 -31.22 -3.46 -21.09
CA MET A 465 -30.99 -3.53 -19.64
C MET A 465 -31.53 -2.26 -19.06
N PRO A 466 -32.75 -2.32 -18.49
CA PRO A 466 -33.40 -1.09 -18.00
C PRO A 466 -32.54 -0.31 -17.02
N TYR A 467 -31.71 -1.01 -16.23
CA TYR A 467 -31.05 -0.39 -15.07
C TYR A 467 -29.55 -0.31 -15.20
N ILE A 468 -29.04 -0.47 -16.42
CA ILE A 468 -27.59 -0.50 -16.60
C ILE A 468 -26.96 0.83 -16.15
N THR A 469 -27.70 1.92 -16.24
CA THR A 469 -27.14 3.21 -15.84
C THR A 469 -27.49 3.59 -14.40
N SER A 470 -28.21 2.72 -13.72
CA SER A 470 -28.82 3.08 -12.42
C SER A 470 -27.87 3.46 -11.28
N TYR A 471 -26.65 2.94 -11.28
CA TYR A 471 -25.73 3.23 -10.17
C TYR A 471 -25.45 4.71 -10.05
N PHE A 472 -25.52 5.42 -11.18
CA PHE A 472 -25.09 6.82 -11.25
C PHE A 472 -26.19 7.88 -11.12
N MET A 473 -27.41 7.49 -10.72
CA MET A 473 -28.47 8.50 -10.70
C MET A 473 -28.16 9.45 -9.54
N PRO A 474 -28.50 10.74 -9.70
CA PRO A 474 -28.14 11.69 -8.64
C PRO A 474 -28.70 11.24 -7.28
N ARG A 475 -27.92 11.45 -6.22
CA ARG A 475 -28.29 10.96 -4.88
C ARG A 475 -28.51 12.11 -3.92
N ARG A 476 -29.44 11.89 -3.00
CA ARG A 476 -29.73 12.80 -1.90
C ARG A 476 -29.57 12.05 -0.60
N ASP A 477 -29.66 12.77 0.52
CA ASP A 477 -29.49 12.18 1.85
C ASP A 477 -30.39 10.97 2.04
N GLY A 478 -29.79 9.85 2.45
CA GLY A 478 -30.57 8.66 2.74
C GLY A 478 -30.88 7.75 1.55
N ASP A 479 -30.49 8.13 0.33
CA ASP A 479 -30.92 7.34 -0.84
C ASP A 479 -30.28 5.94 -0.83
N ARG A 480 -28.99 5.88 -0.47
CA ARG A 480 -28.32 4.59 -0.30
C ARG A 480 -28.21 4.28 1.19
N PRO A 481 -28.55 3.05 1.58
CA PRO A 481 -28.42 2.73 3.02
C PRO A 481 -26.96 2.54 3.36
N ASP A 482 -26.55 2.92 4.57
CA ASP A 482 -25.22 2.56 5.06
C ASP A 482 -25.02 1.07 5.02
N VAL A 483 -23.80 0.65 4.68
CA VAL A 483 -23.42 -0.75 4.71
C VAL A 483 -23.88 -1.41 6.01
N VAL A 484 -23.61 -0.76 7.16
CA VAL A 484 -24.18 -1.23 8.41
C VAL A 484 -24.98 -0.08 9.02
N PRO A 485 -26.31 -0.10 8.83
CA PRO A 485 -27.12 1.00 9.34
C PRO A 485 -26.93 1.21 10.85
N GLU A 486 -27.05 2.45 11.31
CA GLU A 486 -26.83 2.73 12.73
C GLU A 486 -27.79 1.88 13.57
N GLY A 487 -27.25 1.20 14.57
CA GLY A 487 -28.06 0.35 15.44
C GLY A 487 -28.37 -1.03 14.90
N SER A 488 -27.87 -1.33 13.69
CA SER A 488 -28.08 -2.66 13.12
C SER A 488 -27.30 -3.70 13.89
N ILE A 489 -28.00 -4.73 14.35
CA ILE A 489 -27.35 -5.78 15.12
C ILE A 489 -26.82 -6.90 14.20
N ASN A 490 -27.57 -7.20 13.14
CA ASN A 490 -27.28 -8.38 12.33
C ASN A 490 -27.69 -8.21 10.87
N LEU A 491 -27.72 -6.96 10.40
CA LEU A 491 -28.16 -6.66 9.05
C LEU A 491 -27.18 -5.72 8.33
N ALA A 492 -26.75 -6.12 7.13
CA ALA A 492 -25.90 -5.25 6.29
C ALA A 492 -26.45 -5.08 4.90
N PHE A 493 -26.11 -3.95 4.27
CA PHE A 493 -26.34 -3.78 2.84
C PHE A 493 -25.01 -3.81 2.09
N ILE A 494 -24.95 -4.57 1.01
CA ILE A 494 -23.70 -4.66 0.25
C ILE A 494 -23.96 -4.39 -1.21
N GLY A 495 -22.90 -4.12 -1.98
CA GLY A 495 -23.06 -3.90 -3.40
C GLY A 495 -23.04 -2.42 -3.73
N ASN A 496 -23.24 -2.13 -5.02
CA ASN A 496 -22.97 -0.79 -5.54
C ASN A 496 -24.15 0.16 -5.37
N PHE A 497 -25.19 -0.25 -4.63
CA PHE A 497 -26.25 0.67 -4.19
C PHE A 497 -26.22 0.86 -2.66
N ALA A 498 -25.23 0.25 -1.99
CA ALA A 498 -24.98 0.48 -0.57
C ALA A 498 -24.03 1.67 -0.39
N GLU A 499 -24.11 2.31 0.76
CA GLU A 499 -23.29 3.51 1.08
C GLU A 499 -22.10 3.11 1.99
N SER A 500 -20.96 2.86 1.36
CA SER A 500 -19.71 2.70 2.13
C SER A 500 -19.46 4.01 2.81
N PRO A 501 -18.89 3.98 4.03
CA PRO A 501 -18.56 5.28 4.64
C PRO A 501 -17.41 6.01 3.91
N THR A 502 -16.74 5.35 2.96
CA THR A 502 -15.60 5.97 2.24
C THR A 502 -16.05 6.80 1.03
N ARG A 503 -15.09 7.39 0.33
CA ARG A 503 -15.36 8.09 -0.91
C ARG A 503 -15.25 7.20 -2.15
N ASP A 504 -15.40 5.89 -2.00
CA ASP A 504 -15.14 5.00 -3.15
C ASP A 504 -16.23 5.14 -4.23
N THR A 505 -15.88 4.68 -5.42
CA THR A 505 -16.65 4.89 -6.64
C THR A 505 -17.47 3.67 -7.01
N VAL A 506 -18.74 3.87 -7.35
CA VAL A 506 -19.57 2.73 -7.77
C VAL A 506 -19.43 2.49 -9.25
N PHE A 507 -20.16 1.49 -9.75
CA PHE A 507 -19.92 0.87 -11.06
C PHE A 507 -18.50 0.29 -11.15
N THR A 508 -17.99 -0.23 -10.02
CA THR A 508 -16.72 -0.96 -10.01
C THR A 508 -16.81 -2.23 -9.18
N THR A 509 -16.05 -3.26 -9.56
CA THR A 509 -16.08 -4.50 -8.78
C THR A 509 -15.37 -4.26 -7.45
N GLU A 510 -14.48 -3.27 -7.44
CA GLU A 510 -13.81 -2.90 -6.19
C GLU A 510 -14.82 -2.51 -5.14
N TYR A 511 -15.81 -1.70 -5.52
CA TYR A 511 -16.79 -1.24 -4.56
C TYR A 511 -17.61 -2.42 -3.97
N SER A 512 -17.91 -3.43 -4.81
CA SER A 512 -18.60 -4.62 -4.32
C SER A 512 -17.78 -5.31 -3.23
N VAL A 513 -16.50 -5.51 -3.56
CA VAL A 513 -15.64 -6.21 -2.59
C VAL A 513 -15.47 -5.36 -1.29
N ARG A 514 -15.36 -4.05 -1.46
CA ARG A 514 -15.21 -3.14 -0.32
C ARG A 514 -16.41 -3.25 0.60
N THR A 515 -17.61 -3.18 0.03
CA THR A 515 -18.77 -3.20 0.91
C THR A 515 -18.85 -4.54 1.62
N ALA A 516 -18.49 -5.64 0.92
CA ALA A 516 -18.45 -6.93 1.59
C ALA A 516 -17.48 -6.92 2.79
N MET A 517 -16.28 -6.41 2.56
CA MET A 517 -15.26 -6.38 3.62
C MET A 517 -15.69 -5.52 4.79
N GLU A 518 -16.22 -4.35 4.51
CA GLU A 518 -16.65 -3.43 5.57
C GLU A 518 -17.81 -4.05 6.37
N ALA A 519 -18.74 -4.70 5.68
CA ALA A 519 -19.88 -5.37 6.35
C ALA A 519 -19.40 -6.47 7.28
N VAL A 520 -18.53 -7.32 6.75
CA VAL A 520 -18.07 -8.45 7.54
C VAL A 520 -17.19 -8.00 8.69
N TYR A 521 -16.25 -7.08 8.43
CA TYR A 521 -15.33 -6.64 9.49
C TYR A 521 -16.10 -5.93 10.59
N THR A 522 -17.11 -5.14 10.19
CA THR A 522 -17.90 -4.44 11.19
C THR A 522 -18.74 -5.42 12.01
N LEU A 523 -19.51 -6.28 11.35
CA LEU A 523 -20.49 -7.08 12.11
C LEU A 523 -19.88 -8.26 12.84
N LEU A 524 -18.73 -8.76 12.35
CA LEU A 524 -18.11 -9.93 13.00
C LEU A 524 -16.89 -9.53 13.85
N ASN A 525 -16.62 -8.22 13.92
CA ASN A 525 -15.55 -7.71 14.79
C ASN A 525 -14.17 -8.23 14.43
N VAL A 526 -13.84 -8.17 13.14
CA VAL A 526 -12.58 -8.68 12.66
C VAL A 526 -11.48 -7.65 12.93
N ASP A 527 -10.47 -8.03 13.70
CA ASP A 527 -9.52 -7.03 14.17
C ASP A 527 -8.32 -6.94 13.22
N ARG A 528 -8.54 -6.31 12.05
CA ARG A 528 -7.52 -6.06 11.03
C ARG A 528 -8.05 -4.88 10.21
N GLY A 529 -7.15 -4.07 9.66
CA GLY A 529 -7.57 -2.88 8.94
C GLY A 529 -8.17 -3.22 7.60
N VAL A 530 -9.16 -2.43 7.23
CA VAL A 530 -9.68 -2.42 5.86
C VAL A 530 -8.89 -1.34 5.15
N PRO A 531 -8.37 -1.65 3.95
CA PRO A 531 -7.63 -0.57 3.26
C PRO A 531 -8.53 0.64 2.98
N GLU A 532 -8.03 1.84 3.24
CA GLU A 532 -8.78 3.03 2.87
C GLU A 532 -8.76 3.06 1.34
N VAL A 533 -9.62 3.87 0.74
CA VAL A 533 -9.53 4.12 -0.69
C VAL A 533 -8.13 4.66 -0.96
N PHE A 534 -7.47 4.13 -1.99
CA PHE A 534 -6.09 4.48 -2.23
C PHE A 534 -5.93 6.00 -2.32
N ASP A 535 -5.00 6.52 -1.51
CA ASP A 535 -4.96 7.95 -1.22
C ASP A 535 -4.29 8.86 -2.27
N SER A 536 -4.46 8.53 -3.54
CA SER A 536 -3.78 9.31 -4.59
C SER A 536 -4.24 10.77 -4.64
N ILE A 537 -5.51 11.05 -4.29
CA ILE A 537 -5.99 12.44 -4.27
C ILE A 537 -5.29 13.30 -3.19
N TYR A 538 -4.64 12.65 -2.22
CA TYR A 538 -3.96 13.39 -1.17
C TYR A 538 -2.45 13.45 -1.38
N ASP A 539 -1.98 12.74 -2.42
CA ASP A 539 -0.54 12.63 -2.75
C ASP A 539 -0.20 13.86 -3.62
N ILE A 540 0.59 14.80 -3.09
CA ILE A 540 0.96 15.98 -3.88
C ILE A 540 1.60 15.64 -5.24
N ARG A 541 2.33 14.52 -5.30
CA ARG A 541 2.96 14.12 -6.55
C ARG A 541 1.89 13.81 -7.58
N GLN A 542 0.76 13.28 -7.14
CA GLN A 542 -0.28 12.95 -8.10
C GLN A 542 -1.12 14.17 -8.47
N LEU A 543 -1.31 15.07 -7.53
CA LEU A 543 -2.00 16.33 -7.84
C LEU A 543 -1.24 17.09 -8.93
N LEU A 544 0.08 17.14 -8.76
CA LEU A 544 0.92 17.86 -9.74
C LEU A 544 0.96 17.12 -11.08
N ARG A 545 1.17 15.80 -11.01
CA ARG A 545 1.12 14.99 -12.23
C ARG A 545 -0.20 15.20 -12.99
N ALA A 546 -1.32 15.25 -12.27
CA ALA A 546 -2.61 15.39 -12.96
C ALA A 546 -2.69 16.75 -13.62
N MET A 547 -2.20 17.79 -12.95
N MET A 547 -2.21 17.80 -12.95
CA MET A 547 -2.19 19.13 -13.57
CA MET A 547 -2.28 19.10 -13.62
C MET A 547 -1.45 19.08 -14.89
C MET A 547 -1.42 19.13 -14.88
N TYR A 548 -0.31 18.40 -14.88
CA TYR A 548 0.50 18.33 -16.11
C TYR A 548 -0.25 17.59 -17.23
N TYR A 549 -0.74 16.39 -16.91
CA TYR A 549 -1.39 15.61 -17.97
C TYR A 549 -2.70 16.22 -18.49
N MET A 550 -3.50 16.73 -17.57
CA MET A 550 -4.83 17.22 -17.91
C MET A 550 -4.71 18.39 -18.88
N SER A 551 -3.61 19.12 -18.79
CA SER A 551 -3.44 20.30 -19.62
C SER A 551 -2.77 19.97 -20.96
N ASP A 552 -2.65 18.68 -21.29
CA ASP A 552 -1.87 18.25 -22.46
C ASP A 552 -0.42 18.73 -22.37
N LYS A 553 0.14 18.55 -21.17
CA LYS A 553 1.57 18.69 -20.90
C LYS A 553 2.07 20.12 -21.01
N LYS A 554 1.29 21.06 -20.48
CA LYS A 554 1.75 22.44 -20.41
C LYS A 554 2.43 22.69 -19.05
N LYS A 555 3.46 23.54 -19.04
CA LYS A 555 4.02 24.05 -17.80
C LYS A 555 2.94 24.86 -17.08
N LEU A 556 2.98 24.88 -15.74
CA LEU A 556 1.88 25.49 -14.97
C LEU A 556 1.67 26.95 -15.37
N ALA A 557 2.76 27.62 -15.68
CA ALA A 557 2.75 29.04 -16.04
C ALA A 557 2.03 29.28 -17.37
N ASP A 558 2.00 28.26 -18.22
CA ASP A 558 1.40 28.36 -19.55
C ASP A 558 -0.04 27.83 -19.62
N GLN A 559 -0.59 27.38 -18.51
CA GLN A 559 -1.94 26.78 -18.56
C GLN A 559 -3.03 27.83 -18.55
N ASP A 560 -4.07 27.63 -19.34
N ASP A 560 -4.09 27.57 -19.31
CA ASP A 560 -5.16 28.61 -19.45
CA ASP A 560 -5.25 28.45 -19.42
C ASP A 560 -6.03 28.60 -18.18
C ASP A 560 -6.03 28.56 -18.11
N MET A 561 -6.15 29.75 -17.56
CA MET A 561 -6.93 29.92 -16.33
C MET A 561 -7.28 31.38 -16.14
N PRO A 562 -8.36 31.66 -15.40
CA PRO A 562 -8.71 33.05 -15.15
C PRO A 562 -7.54 33.81 -14.53
N LEU A 563 -7.36 35.05 -14.99
CA LEU A 563 -6.27 35.92 -14.58
C LEU A 563 -5.94 35.99 -13.07
N PRO A 564 -6.96 36.02 -12.18
CA PRO A 564 -6.55 36.05 -10.77
C PRO A 564 -5.86 34.76 -10.33
N GLU A 565 -6.34 33.65 -10.87
CA GLU A 565 -5.69 32.37 -10.62
C GLU A 565 -4.30 32.34 -11.23
N LYS A 566 -4.16 32.92 -12.43
CA LYS A 566 -2.86 32.94 -13.10
C LYS A 566 -1.87 33.75 -12.26
N LEU A 567 -2.33 34.89 -11.76
CA LEU A 567 -1.53 35.77 -10.94
C LEU A 567 -1.12 35.04 -9.66
N ALA A 568 -2.08 34.32 -9.09
CA ALA A 568 -1.86 33.57 -7.86
C ALA A 568 -0.78 32.51 -8.09
N VAL A 569 -0.86 31.83 -9.25
CA VAL A 569 0.13 30.84 -9.61
C VAL A 569 1.51 31.49 -9.76
N LYS A 570 1.60 32.63 -10.43
CA LYS A 570 2.91 33.26 -10.58
C LYS A 570 3.52 33.61 -9.24
N THR A 571 2.69 34.20 -8.39
CA THR A 571 3.13 34.60 -7.06
C THR A 571 3.63 33.36 -6.31
N GLY A 572 2.86 32.28 -6.39
CA GLY A 572 3.22 31.08 -5.66
C GLY A 572 4.48 30.45 -6.19
N MET A 573 4.69 30.56 -7.50
CA MET A 573 5.85 29.97 -8.11
C MET A 573 7.08 30.74 -7.63
N ARG A 574 6.91 32.04 -7.44
CA ARG A 574 8.02 32.83 -6.91
C ARG A 574 8.28 32.49 -5.45
N LYS A 575 7.22 32.23 -4.70
CA LYS A 575 7.37 31.93 -3.27
C LYS A 575 8.20 30.66 -3.06
N ILE A 576 8.02 29.66 -3.93
CA ILE A 576 8.67 28.37 -3.65
C ILE A 576 9.96 28.13 -4.45
N LYS A 577 10.46 29.16 -5.12
CA LYS A 577 11.68 28.95 -5.91
C LYS A 577 12.86 28.46 -5.05
N LYS A 578 13.67 27.58 -5.63
CA LYS A 578 14.83 27.00 -4.93
C LYS A 578 14.50 26.15 -3.70
N THR A 579 13.24 25.69 -3.60
CA THR A 579 12.87 24.83 -2.46
C THR A 579 12.54 23.44 -2.94
N TRP A 580 12.35 22.53 -1.98
CA TRP A 580 11.93 21.16 -2.27
C TRP A 580 10.60 21.14 -3.02
N VAL A 581 9.72 22.10 -2.73
CA VAL A 581 8.43 22.15 -3.45
C VAL A 581 8.68 22.42 -4.94
N GLU A 582 9.65 23.28 -5.24
CA GLU A 582 10.03 23.49 -6.63
C GLU A 582 10.57 22.21 -7.28
N GLU A 583 11.32 21.40 -6.53
CA GLU A 583 11.79 20.12 -7.06
C GLU A 583 10.62 19.23 -7.38
N LEU A 584 9.58 19.24 -6.55
CA LEU A 584 8.39 18.44 -6.84
C LEU A 584 7.72 18.92 -8.13
N LEU A 585 7.64 20.23 -8.33
CA LEU A 585 7.02 20.73 -9.55
C LEU A 585 7.87 20.42 -10.80
N LYS A 586 9.19 20.47 -10.65
CA LYS A 586 10.08 20.14 -11.76
C LYS A 586 9.93 18.67 -12.10
N GLU A 587 9.86 17.82 -11.08
CA GLU A 587 9.69 16.39 -11.30
C GLU A 587 8.38 16.12 -12.06
N ALA A 588 7.34 16.90 -11.75
CA ALA A 588 6.06 16.75 -12.45
C ALA A 588 6.05 17.44 -13.83
N ASN A 589 7.19 18.02 -14.22
CA ASN A 589 7.32 18.72 -15.50
C ASN A 589 6.43 19.97 -15.59
N LEU A 590 6.10 20.55 -14.44
CA LEU A 590 5.25 21.75 -14.38
C LEU A 590 6.05 23.05 -14.44
N VAL A 591 7.36 22.95 -14.25
CA VAL A 591 8.27 24.10 -14.29
C VAL A 591 9.58 23.59 -14.86
N MET B 1 14.58 -2.45 -12.66
CA MET B 1 13.56 -2.68 -11.67
C MET B 1 12.70 -1.44 -11.50
N TYR B 2 11.67 -1.53 -10.67
CA TYR B 2 10.79 -0.37 -10.48
C TYR B 2 10.17 -0.34 -9.10
N TYR B 3 9.74 0.84 -8.69
CA TYR B 3 9.13 1.03 -7.38
C TYR B 3 7.60 1.09 -7.51
N SER B 4 6.91 0.68 -6.45
CA SER B 4 5.45 0.62 -6.48
C SER B 4 4.90 0.97 -5.13
N ASN B 5 3.58 1.05 -5.04
CA ASN B 5 2.94 1.05 -3.72
C ASN B 5 1.60 0.32 -3.88
N GLY B 6 0.83 0.15 -2.81
CA GLY B 6 -0.48 -0.49 -2.96
C GLY B 6 -0.47 -2.01 -2.88
N ASN B 7 -1.67 -2.56 -2.74
CA ASN B 7 -1.86 -4.00 -2.48
C ASN B 7 -1.62 -4.91 -3.67
N TYR B 8 -1.83 -4.43 -4.90
CA TYR B 8 -1.69 -5.28 -6.08
C TYR B 8 -0.24 -5.78 -6.16
N GLU B 9 0.71 -4.85 -6.10
CA GLU B 9 2.12 -5.22 -6.12
C GLU B 9 2.58 -5.92 -4.86
N ALA B 10 1.98 -5.57 -3.73
CA ALA B 10 2.35 -6.22 -2.48
C ALA B 10 2.02 -7.70 -2.53
N PHE B 11 0.85 -8.04 -3.04
CA PHE B 11 0.37 -9.42 -2.95
C PHE B 11 0.82 -10.28 -4.13
N ALA B 12 1.24 -9.63 -5.21
CA ALA B 12 1.62 -10.39 -6.40
C ALA B 12 2.93 -11.16 -6.18
N ASP B 13 3.01 -12.36 -6.76
CA ASP B 13 4.23 -13.19 -6.69
C ASP B 13 4.92 -13.02 -8.04
N PRO B 14 6.25 -12.80 -8.04
CA PRO B 14 6.88 -12.62 -9.36
C PRO B 14 7.00 -13.93 -10.11
N LYS B 15 7.00 -13.85 -11.44
CA LYS B 15 7.34 -14.98 -12.28
C LYS B 15 8.80 -15.37 -11.99
N LYS B 16 9.15 -16.63 -12.18
CA LYS B 16 10.56 -17.01 -12.10
C LYS B 16 11.33 -16.28 -13.19
N PRO B 17 12.39 -15.55 -12.83
CA PRO B 17 13.15 -14.75 -13.79
C PRO B 17 13.94 -15.68 -14.71
N ALA B 18 14.17 -15.28 -15.96
CA ALA B 18 14.97 -16.06 -16.90
C ALA B 18 16.42 -16.23 -16.44
N GLY B 19 16.98 -17.41 -16.70
CA GLY B 19 18.40 -17.65 -16.52
C GLY B 19 18.84 -17.94 -15.10
N VAL B 20 17.92 -17.93 -14.14
CA VAL B 20 18.33 -18.02 -12.74
C VAL B 20 18.94 -19.40 -12.44
N ASP B 21 18.52 -20.43 -13.17
CA ASP B 21 19.01 -21.78 -12.90
C ASP B 21 20.53 -21.90 -13.13
N LYS B 22 21.12 -20.97 -13.87
CA LYS B 22 22.56 -21.05 -14.10
C LYS B 22 23.33 -20.11 -13.17
N LYS B 23 22.63 -19.50 -12.23
CA LYS B 23 23.26 -18.49 -11.37
C LYS B 23 23.42 -18.93 -9.91
N SER B 24 24.44 -18.38 -9.25
CA SER B 24 24.67 -18.63 -7.83
C SER B 24 24.84 -17.28 -7.14
N ALA B 25 24.90 -17.29 -5.79
CA ALA B 25 25.09 -16.03 -5.08
C ALA B 25 26.12 -16.23 -3.99
N TYR B 26 26.95 -15.21 -3.77
CA TYR B 26 27.89 -15.15 -2.64
C TYR B 26 27.54 -13.90 -1.82
N ILE B 27 27.11 -14.16 -0.60
CA ILE B 27 26.64 -13.12 0.28
C ILE B 27 27.69 -12.92 1.35
N ILE B 28 28.33 -11.75 1.36
CA ILE B 28 29.47 -11.53 2.23
C ILE B 28 28.97 -10.72 3.42
N GLY B 29 28.90 -11.36 4.58
CA GLY B 29 28.26 -10.77 5.76
C GLY B 29 26.89 -11.37 6.05
N SER B 30 26.66 -11.85 7.27
CA SER B 30 25.39 -12.51 7.59
C SER B 30 24.54 -11.69 8.57
N GLY B 31 24.70 -10.38 8.52
CA GLY B 31 23.79 -9.50 9.21
C GLY B 31 22.45 -9.57 8.51
N LEU B 32 21.52 -8.75 8.99
CA LEU B 32 20.18 -8.81 8.44
C LEU B 32 20.12 -8.53 6.93
N ALA B 33 20.98 -7.67 6.40
CA ALA B 33 20.89 -7.37 4.97
C ALA B 33 21.25 -8.62 4.17
N GLY B 34 22.26 -9.35 4.64
CA GLY B 34 22.70 -10.56 3.96
C GLY B 34 21.66 -11.68 4.01
N LEU B 35 21.07 -11.86 5.19
CA LEU B 35 20.05 -12.90 5.34
C LEU B 35 18.86 -12.55 4.46
N SER B 36 18.48 -11.28 4.45
CA SER B 36 17.35 -10.80 3.65
C SER B 36 17.62 -10.99 2.15
N THR B 37 18.88 -10.78 1.75
CA THR B 37 19.26 -11.04 0.37
C THR B 37 18.95 -12.49 0.05
N ALA B 38 19.38 -13.38 0.94
CA ALA B 38 19.13 -14.80 0.68
C ALA B 38 17.61 -15.11 0.63
N VAL B 39 16.81 -14.45 1.48
CA VAL B 39 15.37 -14.70 1.44
C VAL B 39 14.81 -14.29 0.09
N PHE B 40 15.14 -13.08 -0.39
CA PHE B 40 14.59 -12.67 -1.69
C PHE B 40 15.09 -13.53 -2.85
N LEU B 41 16.32 -13.99 -2.76
CA LEU B 41 16.85 -14.92 -3.76
C LEU B 41 16.07 -16.25 -3.80
N VAL B 42 15.80 -16.80 -2.61
CA VAL B 42 15.02 -18.05 -2.54
C VAL B 42 13.57 -17.89 -3.01
N ARG B 43 12.90 -16.88 -2.46
CA ARG B 43 11.45 -16.73 -2.60
C ARG B 43 11.06 -16.15 -3.94
N ASP B 44 11.77 -15.11 -4.37
CA ASP B 44 11.36 -14.30 -5.52
C ASP B 44 12.18 -14.60 -6.75
N ALA B 45 13.51 -14.66 -6.63
CA ALA B 45 14.33 -15.05 -7.79
C ALA B 45 14.26 -16.55 -8.05
N GLN B 46 13.83 -17.33 -7.06
CA GLN B 46 13.82 -18.79 -7.16
C GLN B 46 15.18 -19.38 -7.51
N MET B 47 16.21 -18.81 -6.92
CA MET B 47 17.55 -19.37 -7.02
C MET B 47 17.56 -20.59 -6.12
N LYS B 48 18.21 -21.68 -6.54
CA LYS B 48 18.25 -22.89 -5.70
C LYS B 48 19.01 -22.57 -4.44
N GLY B 49 18.53 -23.07 -3.29
CA GLY B 49 19.16 -22.73 -2.02
C GLY B 49 20.60 -23.20 -2.02
N GLU B 50 20.87 -24.31 -2.70
CA GLU B 50 22.21 -24.90 -2.67
C GLU B 50 23.22 -24.06 -3.46
N ASN B 51 22.69 -23.09 -4.22
CA ASN B 51 23.54 -22.18 -4.98
C ASN B 51 23.72 -20.84 -4.27
N ILE B 52 23.18 -20.76 -3.04
CA ILE B 52 23.28 -19.52 -2.26
C ILE B 52 24.26 -19.74 -1.11
N HIS B 53 25.38 -19.00 -1.12
CA HIS B 53 26.43 -19.20 -0.13
C HIS B 53 26.58 -17.95 0.73
N ILE B 54 26.23 -18.07 2.00
CA ILE B 54 26.39 -16.97 2.94
C ILE B 54 27.73 -17.16 3.64
N LEU B 55 28.62 -16.20 3.46
CA LEU B 55 29.95 -16.27 4.01
C LEU B 55 29.93 -15.55 5.35
N GLU B 56 30.00 -16.32 6.43
CA GLU B 56 29.88 -15.76 7.76
C GLU B 56 31.26 -15.63 8.41
N GLU B 57 31.52 -14.46 9.00
CA GLU B 57 32.81 -14.14 9.62
C GLU B 57 33.05 -14.96 10.90
N LEU B 58 31.98 -15.22 11.65
CA LEU B 58 32.04 -15.97 12.92
C LEU B 58 32.18 -17.47 12.73
N PRO B 59 32.93 -18.13 13.64
CA PRO B 59 32.92 -19.60 13.72
C PRO B 59 31.53 -20.10 14.03
N VAL B 60 31.32 -21.42 13.89
CA VAL B 60 30.14 -22.13 14.40
C VAL B 60 28.99 -22.26 13.42
N VAL B 77 25.01 -6.24 19.42
CA VAL B 77 25.45 -7.63 19.56
C VAL B 77 24.28 -8.63 19.38
N ARG B 78 23.44 -8.78 20.41
CA ARG B 78 22.24 -9.63 20.31
C ARG B 78 21.09 -8.68 20.26
N GLY B 79 21.41 -7.40 20.46
CA GLY B 79 20.40 -6.36 20.63
C GLY B 79 20.13 -5.61 19.35
N GLY B 80 18.87 -5.24 19.16
CA GLY B 80 18.46 -4.49 18.00
C GLY B 80 17.64 -3.27 18.39
N ARG B 81 16.81 -2.83 17.45
CA ARG B 81 16.07 -1.60 17.62
C ARG B 81 14.57 -1.90 17.51
N GLU B 82 13.79 -0.86 17.75
CA GLU B 82 12.36 -0.89 17.54
C GLU B 82 12.09 -0.90 16.02
N MET B 83 10.83 -1.14 15.65
N MET B 83 10.83 -1.12 15.65
CA MET B 83 10.40 -0.94 14.28
CA MET B 83 10.38 -0.95 14.27
C MET B 83 9.14 -0.07 14.28
C MET B 83 9.14 -0.06 14.27
N GLU B 84 8.59 0.20 13.09
CA GLU B 84 7.29 0.87 13.00
C GLU B 84 6.41 0.21 11.95
N ASN B 85 5.16 0.62 11.85
CA ASN B 85 4.24 -0.05 10.94
C ASN B 85 4.65 0.09 9.48
N HIS B 86 5.20 1.26 9.12
CA HIS B 86 5.61 1.48 7.72
C HIS B 86 7.01 1.04 7.31
N PHE B 87 7.50 -0.03 7.93
CA PHE B 87 8.69 -0.71 7.43
C PHE B 87 8.20 -1.59 6.25
N GLU B 88 7.96 -0.99 5.09
CA GLU B 88 7.25 -1.70 4.00
C GLU B 88 7.96 -2.97 3.49
N CYS B 89 9.29 -2.86 3.30
CA CYS B 89 10.07 -3.98 2.76
C CYS B 89 10.22 -5.06 3.81
N LEU B 90 10.48 -4.64 5.05
CA LEU B 90 10.74 -5.63 6.10
C LEU B 90 9.47 -6.47 6.33
N TRP B 91 8.29 -5.84 6.29
CA TRP B 91 7.05 -6.63 6.44
C TRP B 91 6.76 -7.52 5.22
N ASP B 92 7.09 -6.98 4.03
CA ASP B 92 7.06 -7.82 2.82
C ASP B 92 7.88 -9.11 3.08
N MET B 93 9.05 -8.97 3.69
CA MET B 93 9.84 -10.19 3.94
C MET B 93 9.25 -11.09 5.03
N TYR B 94 8.94 -10.53 6.19
CA TYR B 94 8.58 -11.38 7.35
C TYR B 94 7.19 -12.02 7.25
N ARG B 95 6.33 -11.51 6.36
CA ARG B 95 5.08 -12.26 6.14
C ARG B 95 5.32 -13.63 5.53
N SER B 96 6.51 -13.85 4.95
CA SER B 96 6.81 -15.15 4.35
C SER B 96 7.64 -16.08 5.24
N ILE B 97 7.97 -15.61 6.44
CA ILE B 97 8.85 -16.34 7.37
C ILE B 97 8.02 -16.96 8.48
N PRO B 98 8.06 -18.30 8.59
CA PRO B 98 7.34 -18.95 9.69
C PRO B 98 7.83 -18.49 11.04
N SER B 99 6.86 -18.21 11.91
CA SER B 99 7.16 -17.93 13.30
C SER B 99 7.65 -19.19 13.99
N LEU B 100 8.63 -19.05 14.89
CA LEU B 100 9.08 -20.17 15.69
C LEU B 100 8.25 -20.24 16.97
N GLU B 101 7.78 -19.09 17.41
CA GLU B 101 7.08 -19.00 18.70
C GLU B 101 5.58 -19.30 18.59
N VAL B 102 5.00 -19.06 17.41
CA VAL B 102 3.58 -19.32 17.15
C VAL B 102 3.47 -20.20 15.89
N PRO B 103 3.58 -21.51 16.07
CA PRO B 103 3.53 -22.48 14.96
C PRO B 103 2.27 -22.30 14.10
N GLY B 104 2.43 -22.36 12.78
CA GLY B 104 1.31 -22.16 11.87
C GLY B 104 1.17 -20.73 11.38
N ALA B 105 1.84 -19.79 12.05
CA ALA B 105 1.68 -18.36 11.72
C ALA B 105 2.98 -17.81 11.14
N SER B 106 2.91 -16.70 10.42
CA SER B 106 4.13 -16.01 9.95
C SER B 106 4.73 -15.19 11.08
N TYR B 107 5.98 -14.75 10.91
CA TYR B 107 6.58 -13.91 11.93
C TYR B 107 5.81 -12.59 12.03
N LEU B 108 5.42 -12.04 10.88
CA LEU B 108 4.59 -10.85 10.89
C LEU B 108 3.35 -11.04 11.77
N ASP B 109 2.64 -12.17 11.64
CA ASP B 109 1.45 -12.42 12.46
C ASP B 109 1.78 -12.44 13.96
N GLU B 110 2.80 -13.19 14.35
CA GLU B 110 3.28 -13.19 15.76
C GLU B 110 3.44 -11.77 16.29
N TYR B 111 4.17 -10.97 15.52
CA TYR B 111 4.49 -9.60 15.91
C TYR B 111 3.25 -8.70 15.97
N TYR B 112 2.37 -8.82 14.97
CA TYR B 112 1.15 -8.03 14.85
C TYR B 112 0.19 -8.33 16.01
N TRP B 113 -0.01 -9.61 16.28
CA TRP B 113 -0.90 -9.99 17.42
C TRP B 113 -0.29 -9.56 18.74
N LEU B 114 1.03 -9.67 18.87
CA LEU B 114 1.68 -9.26 20.13
C LEU B 114 1.49 -7.77 20.34
N ASP B 115 1.65 -7.02 19.25
CA ASP B 115 1.52 -5.57 19.31
C ASP B 115 0.09 -5.17 19.67
N LYS B 116 -0.90 -5.91 19.16
CA LYS B 116 -2.27 -5.65 19.60
C LYS B 116 -2.55 -6.02 21.06
N GLU B 117 -1.93 -7.10 21.55
CA GLU B 117 -2.17 -7.53 22.92
C GLU B 117 -1.42 -6.69 23.96
N ASP B 118 -0.27 -6.17 23.57
CA ASP B 118 0.63 -5.49 24.51
C ASP B 118 1.21 -4.28 23.79
N PRO B 119 0.34 -3.32 23.41
CA PRO B 119 0.78 -2.16 22.63
C PRO B 119 1.77 -1.32 23.39
N ASN B 120 2.76 -0.80 22.67
CA ASN B 120 3.83 -0.05 23.32
C ASN B 120 3.48 1.42 23.59
N SER B 121 3.84 1.91 24.77
CA SER B 121 3.73 3.34 25.07
C SER B 121 4.58 3.61 26.29
N SER B 122 4.94 4.87 26.46
CA SER B 122 5.73 5.28 27.62
C SER B 122 4.90 6.19 28.50
N ASN B 123 4.93 5.94 29.80
CA ASN B 123 4.33 6.83 30.81
C ASN B 123 5.34 7.77 31.42
N CYS B 124 6.58 7.73 30.94
CA CYS B 124 7.63 8.58 31.49
C CYS B 124 8.82 8.59 30.57
N ARG B 125 9.02 9.69 29.85
CA ARG B 125 10.02 9.72 28.78
C ARG B 125 11.30 10.46 29.20
N LEU B 126 11.14 11.50 30.03
CA LEU B 126 12.24 12.36 30.45
C LEU B 126 12.20 12.52 31.97
N ILE B 127 13.36 12.38 32.62
CA ILE B 127 13.42 12.58 34.07
C ILE B 127 14.59 13.49 34.43
N TYR B 128 14.57 14.05 35.63
CA TYR B 128 15.63 14.93 36.08
C TYR B 128 15.61 14.94 37.60
N ASN B 129 16.61 15.58 38.20
CA ASN B 129 16.55 15.86 39.64
C ASN B 129 16.46 14.61 40.50
N ARG B 130 17.19 13.58 40.08
CA ARG B 130 17.27 12.30 40.80
C ARG B 130 15.88 11.67 40.95
N GLY B 131 15.11 11.70 39.87
CA GLY B 131 13.99 10.78 39.76
C GLY B 131 12.61 11.38 39.61
N ASP B 132 12.54 12.68 39.30
CA ASP B 132 11.27 13.34 39.02
C ASP B 132 11.03 13.31 37.52
N ARG B 133 9.77 13.13 37.13
CA ARG B 133 9.45 13.30 35.71
C ARG B 133 9.60 14.78 35.34
N LEU B 134 10.23 15.08 34.19
CA LEU B 134 10.33 16.47 33.72
C LEU B 134 8.94 17.07 33.55
N PRO B 135 8.73 18.29 34.05
CA PRO B 135 7.37 18.83 34.10
C PRO B 135 6.75 19.05 32.74
N SER B 136 7.54 19.32 31.71
CA SER B 136 6.99 19.50 30.37
C SER B 136 7.07 18.23 29.52
N ASP B 137 7.39 17.10 30.15
CA ASP B 137 7.44 15.84 29.39
C ASP B 137 6.14 15.65 28.64
N GLY B 138 6.23 15.27 27.37
CA GLY B 138 5.03 15.11 26.55
C GLY B 138 4.88 16.22 25.53
N GLN B 139 5.47 17.37 25.82
CA GLN B 139 5.43 18.52 24.91
C GLN B 139 6.71 18.60 24.06
N TYR B 140 6.56 18.96 22.79
CA TYR B 140 7.72 19.23 21.97
C TYR B 140 8.45 20.51 22.35
N GLY B 141 7.68 21.54 22.73
CA GLY B 141 8.27 22.77 23.24
C GLY B 141 9.15 23.48 22.23
N LEU B 142 8.76 23.44 20.97
CA LEU B 142 9.58 24.01 19.91
C LEU B 142 9.43 25.52 19.79
N GLY B 143 8.20 26.01 19.93
CA GLY B 143 7.92 27.42 19.67
C GLY B 143 8.32 27.73 18.23
N LYS B 144 8.93 28.90 18.02
CA LYS B 144 9.27 29.29 16.65
C LYS B 144 10.35 28.41 16.04
N CYS B 145 11.04 27.63 16.87
CA CYS B 145 12.07 26.73 16.35
C CYS B 145 11.44 25.69 15.44
N ALA B 146 10.11 25.51 15.55
CA ALA B 146 9.42 24.61 14.64
C ALA B 146 9.65 25.04 13.18
N ASN B 147 9.73 26.34 12.95
CA ASN B 147 9.95 26.85 11.60
C ASN B 147 11.25 26.33 11.01
N GLU B 148 12.24 26.10 11.89
CA GLU B 148 13.52 25.60 11.43
C GLU B 148 13.36 24.21 10.85
N ILE B 149 12.49 23.39 11.41
CA ILE B 149 12.27 22.06 10.85
C ILE B 149 11.63 22.20 9.49
N VAL B 150 10.71 23.16 9.39
CA VAL B 150 10.00 23.33 8.13
C VAL B 150 11.06 23.80 7.15
N LYS B 151 11.96 24.67 7.61
CA LYS B 151 12.91 25.23 6.66
C LYS B 151 13.78 24.08 6.13
N LEU B 152 14.07 23.13 7.01
CA LEU B 152 14.98 22.05 6.65
C LEU B 152 14.31 21.18 5.61
N ILE B 153 13.03 20.91 5.79
CA ILE B 153 12.34 20.03 4.84
C ILE B 153 12.27 20.78 3.51
N MET B 154 12.20 22.11 3.56
CA MET B 154 12.03 22.86 2.32
C MET B 154 13.37 23.06 1.61
N THR B 155 14.46 22.68 2.26
CA THR B 155 15.79 22.80 1.65
C THR B 155 16.09 21.54 0.83
N PRO B 156 16.35 21.70 -0.50
CA PRO B 156 16.68 20.51 -1.28
C PRO B 156 17.89 19.73 -0.70
N GLU B 157 17.84 18.41 -0.78
CA GLU B 157 18.94 17.60 -0.27
C GLU B 157 20.29 17.97 -0.92
N LYS B 158 20.25 18.29 -2.21
CA LYS B 158 21.48 18.60 -2.94
C LYS B 158 22.16 19.84 -2.37
N GLU B 159 21.43 20.65 -1.61
CA GLU B 159 22.00 21.89 -1.08
C GLU B 159 22.71 21.69 0.25
N ILE B 160 22.57 20.50 0.84
CA ILE B 160 23.11 20.31 2.19
C ILE B 160 24.12 19.17 2.28
N GLU B 161 24.72 18.84 1.14
CA GLU B 161 25.77 17.83 1.08
C GLU B 161 26.86 18.09 2.11
N GLY B 162 27.18 17.11 2.95
CA GLY B 162 28.31 17.22 3.85
C GLY B 162 28.00 18.05 5.11
N GLN B 163 26.84 18.71 5.15
CA GLN B 163 26.53 19.55 6.31
C GLN B 163 26.15 18.79 7.54
N THR B 164 26.47 19.36 8.71
CA THR B 164 26.10 18.76 9.98
C THR B 164 24.86 19.42 10.57
N ILE B 165 24.24 18.72 11.50
CA ILE B 165 23.05 19.22 12.16
C ILE B 165 23.33 20.57 12.84
N GLU B 166 24.47 20.68 13.53
CA GLU B 166 24.73 21.90 14.28
C GLU B 166 25.07 23.08 13.38
N GLU B 167 25.41 22.81 12.13
CA GLU B 167 25.63 23.91 11.15
C GLU B 167 24.33 24.58 10.71
N PHE B 168 23.23 23.86 10.80
CA PHE B 168 21.92 24.37 10.35
C PHE B 168 21.03 24.97 11.48
N PHE B 169 20.92 24.28 12.62
CA PHE B 169 19.97 24.70 13.66
C PHE B 169 20.47 25.74 14.66
N SER B 170 19.53 26.50 15.22
CA SER B 170 19.91 27.59 16.14
C SER B 170 20.30 27.03 17.50
N ASP B 171 20.99 27.82 18.31
CA ASP B 171 21.30 27.41 19.67
C ASP B 171 20.03 27.08 20.40
N GLU B 172 18.98 27.87 20.17
CA GLU B 172 17.73 27.68 20.90
C GLU B 172 17.09 26.34 20.57
N PHE B 173 17.19 25.90 19.31
CA PHE B 173 16.59 24.64 18.90
C PHE B 173 17.14 23.48 19.76
N PHE B 174 18.43 23.52 20.07
CA PHE B 174 19.07 22.43 20.80
C PHE B 174 18.67 22.36 22.26
N LYS B 175 18.01 23.41 22.75
CA LYS B 175 17.49 23.43 24.11
C LYS B 175 16.06 22.92 24.19
N THR B 176 15.46 22.58 23.05
CA THR B 176 14.04 22.20 23.05
C THR B 176 13.83 20.74 23.44
N ASN B 177 12.67 20.44 24.01
CA ASN B 177 12.34 19.03 24.29
C ASN B 177 12.41 18.20 23.01
N PHE B 178 12.01 18.81 21.89
CA PHE B 178 12.06 18.11 20.61
C PHE B 178 13.48 17.55 20.37
N TRP B 179 14.51 18.38 20.51
CA TRP B 179 15.89 17.92 20.28
C TRP B 179 16.28 16.84 21.30
N THR B 180 15.93 17.03 22.58
CA THR B 180 16.20 15.94 23.53
C THR B 180 15.59 14.57 23.11
N TYR B 181 14.29 14.59 22.74
CA TYR B 181 13.60 13.36 22.33
C TYR B 181 14.29 12.77 21.11
N TRP B 182 14.55 13.62 20.12
CA TRP B 182 15.03 13.20 18.80
C TRP B 182 16.46 12.66 18.84
N SER B 183 17.33 13.45 19.44
N SER B 183 17.33 13.46 19.42
CA SER B 183 18.73 13.10 19.56
CA SER B 183 18.74 13.11 19.55
C SER B 183 18.89 11.79 20.32
C SER B 183 18.87 11.80 20.31
N THR B 184 18.19 11.66 21.44
CA THR B 184 18.33 10.40 22.21
C THR B 184 17.64 9.18 21.59
N MET B 185 16.46 9.36 21.00
CA MET B 185 15.76 8.18 20.52
C MET B 185 16.41 7.66 19.24
N PHE B 186 17.06 8.54 18.49
CA PHE B 186 17.64 8.11 17.20
C PHE B 186 19.17 8.02 17.20
N ALA B 187 19.78 8.46 18.30
CA ALA B 187 21.23 8.59 18.45
C ALA B 187 21.78 9.55 17.39
N PHE B 188 21.11 10.68 17.20
CA PHE B 188 21.71 11.76 16.40
C PHE B 188 22.57 12.63 17.28
N GLU B 189 23.88 12.72 16.97
CA GLU B 189 24.79 13.67 17.62
C GLU B 189 24.80 14.97 16.82
N LYS B 190 25.23 16.07 17.45
CA LYS B 190 25.16 17.35 16.79
C LYS B 190 26.05 17.44 15.55
N TRP B 191 27.09 16.61 15.47
CA TRP B 191 28.01 16.69 14.31
C TRP B 191 27.62 15.67 13.23
N HIS B 192 26.44 15.07 13.34
CA HIS B 192 25.98 14.08 12.36
C HIS B 192 25.37 14.70 11.11
N SER B 193 25.11 13.85 10.11
CA SER B 193 24.55 14.26 8.82
C SER B 193 23.23 15.04 8.93
N LEU B 194 23.22 16.28 8.44
CA LEU B 194 21.98 17.06 8.40
C LEU B 194 21.02 16.41 7.43
N ALA B 195 21.55 15.92 6.30
CA ALA B 195 20.68 15.28 5.27
C ALA B 195 19.95 14.10 5.86
N GLU B 196 20.61 13.36 6.73
CA GLU B 196 19.97 12.18 7.30
C GLU B 196 18.90 12.61 8.30
N MET B 197 19.17 13.64 9.07
CA MET B 197 18.15 14.15 9.99
C MET B 197 16.91 14.60 9.21
N ARG B 198 17.13 15.30 8.10
CA ARG B 198 16.06 15.73 7.18
C ARG B 198 15.27 14.52 6.65
N ARG B 199 16.00 13.47 6.26
CA ARG B 199 15.35 12.24 5.80
C ARG B 199 14.53 11.61 6.90
N TYR B 200 15.00 11.63 8.14
CA TYR B 200 14.21 11.09 9.25
C TYR B 200 12.94 11.90 9.46
N ALA B 201 13.04 13.23 9.40
CA ALA B 201 11.87 14.11 9.62
C ALA B 201 10.83 13.84 8.51
N MET B 202 11.29 13.60 7.29
CA MET B 202 10.33 13.37 6.19
C MET B 202 9.75 11.95 6.24
N ARG B 203 10.64 10.99 6.41
CA ARG B 203 10.28 9.57 6.47
C ARG B 203 9.24 9.29 7.56
N PHE B 204 9.44 9.86 8.75
CA PHE B 204 8.60 9.50 9.90
C PHE B 204 7.58 10.54 10.29
N ILE B 205 7.23 11.40 9.32
CA ILE B 205 6.23 12.44 9.56
C ILE B 205 4.91 11.87 10.07
N HIS B 206 4.53 10.67 9.62
CA HIS B 206 3.24 10.08 10.01
C HIS B 206 3.23 9.68 11.49
N HIS B 207 4.38 9.75 12.15
CA HIS B 207 4.41 9.41 13.56
C HIS B 207 4.71 10.61 14.46
N ILE B 208 4.48 11.83 13.94
N ILE B 208 4.50 11.83 13.96
CA ILE B 208 4.70 13.04 14.76
CA ILE B 208 4.78 13.00 14.82
C ILE B 208 3.88 13.03 16.04
C ILE B 208 3.88 13.03 16.07
N ASP B 209 2.72 12.39 15.98
CA ASP B 209 1.83 12.32 17.12
C ASP B 209 2.31 11.32 18.16
N GLY B 210 3.33 10.55 17.83
CA GLY B 210 3.68 9.41 18.68
C GLY B 210 5.13 9.34 19.15
N LEU B 211 5.88 10.42 18.97
CA LEU B 211 7.30 10.37 19.34
C LEU B 211 7.56 10.56 20.85
N PRO B 212 6.97 11.60 21.50
CA PRO B 212 7.31 11.76 22.91
C PRO B 212 6.82 10.61 23.77
N ASP B 213 5.71 9.94 23.41
CA ASP B 213 5.21 8.85 24.27
C ASP B 213 5.46 7.47 23.66
N PHE B 214 6.26 7.44 22.58
CA PHE B 214 6.64 6.20 21.90
C PHE B 214 5.48 5.30 21.48
N THR B 215 4.29 5.87 21.29
CA THR B 215 3.19 5.04 20.81
C THR B 215 3.39 4.66 19.36
N ALA B 216 4.29 5.37 18.68
CA ALA B 216 4.71 5.03 17.31
C ALA B 216 5.53 3.73 17.21
N LEU B 217 6.16 3.29 18.30
CA LEU B 217 7.14 2.20 18.20
C LEU B 217 6.52 0.84 18.36
N LYS B 218 7.13 -0.16 17.72
CA LYS B 218 6.72 -1.53 17.97
C LYS B 218 7.98 -2.33 18.25
N PHE B 219 7.84 -3.39 19.05
CA PHE B 219 9.02 -4.15 19.43
C PHE B 219 8.78 -5.65 19.25
N ASN B 220 9.87 -6.39 19.00
CA ASN B 220 9.79 -7.84 19.03
C ASN B 220 9.42 -8.40 20.39
N LYS B 221 9.01 -9.67 20.44
CA LYS B 221 8.82 -10.35 21.73
C LYS B 221 10.11 -10.39 22.54
N TYR B 222 11.21 -10.79 21.87
CA TYR B 222 12.50 -11.05 22.53
C TYR B 222 13.61 -10.20 21.91
N ASN B 223 14.85 -10.41 22.36
CA ASN B 223 16.02 -9.76 21.75
C ASN B 223 16.09 -10.08 20.26
N GLN B 224 16.79 -9.22 19.50
CA GLN B 224 16.82 -9.27 18.04
C GLN B 224 17.29 -10.61 17.47
N TYR B 225 18.29 -11.22 18.09
CA TYR B 225 18.71 -12.52 17.60
C TYR B 225 17.59 -13.57 17.72
N GLU B 226 16.99 -13.64 18.90
CA GLU B 226 15.98 -14.67 19.15
C GLU B 226 14.78 -14.44 18.24
N SER B 227 14.35 -13.19 18.13
CA SER B 227 13.06 -12.89 17.49
C SER B 227 13.17 -12.71 15.98
N MET B 228 14.22 -11.99 15.55
CA MET B 228 14.36 -11.60 14.15
C MET B 228 15.29 -12.52 13.38
N VAL B 229 16.38 -12.95 14.00
CA VAL B 229 17.36 -13.74 13.26
C VAL B 229 17.04 -15.24 13.18
N LYS B 230 16.72 -15.86 14.31
CA LYS B 230 16.41 -17.29 14.30
C LYS B 230 15.34 -17.76 13.31
N PRO B 231 14.24 -17.00 13.15
CA PRO B 231 13.26 -17.49 12.15
C PRO B 231 13.80 -17.42 10.72
N LEU B 232 14.65 -16.42 10.45
CA LEU B 232 15.29 -16.30 9.15
C LEU B 232 16.20 -17.48 8.93
N LEU B 233 17.06 -17.77 9.91
CA LEU B 233 17.94 -18.94 9.80
C LEU B 233 17.15 -20.23 9.57
N ALA B 234 16.05 -20.41 10.29
CA ALA B 234 15.23 -21.63 10.09
C ALA B 234 14.70 -21.73 8.65
N TYR B 235 14.12 -20.62 8.19
CA TYR B 235 13.60 -20.55 6.83
C TYR B 235 14.68 -20.86 5.78
N LEU B 236 15.84 -20.22 5.91
CA LEU B 236 16.88 -20.37 4.89
C LEU B 236 17.46 -21.78 4.92
N LYS B 237 17.63 -22.32 6.13
CA LYS B 237 18.14 -23.68 6.21
C LYS B 237 17.13 -24.68 5.61
N ASP B 238 15.85 -24.42 5.82
CA ASP B 238 14.78 -25.27 5.32
C ASP B 238 14.74 -25.27 3.79
N HIS B 239 15.20 -24.18 3.20
CA HIS B 239 15.32 -24.07 1.74
C HIS B 239 16.71 -24.42 1.15
N GLY B 240 17.60 -24.97 1.96
CA GLY B 240 18.86 -25.51 1.45
C GLY B 240 20.00 -24.52 1.30
N VAL B 241 19.83 -23.33 1.86
CA VAL B 241 20.85 -22.28 1.75
C VAL B 241 22.14 -22.69 2.46
N GLN B 242 23.29 -22.46 1.81
CA GLN B 242 24.59 -22.85 2.37
C GLN B 242 25.17 -21.74 3.24
N PHE B 243 25.52 -22.09 4.48
CA PHE B 243 26.27 -21.20 5.37
C PHE B 243 27.75 -21.64 5.43
N GLU B 244 28.65 -20.69 5.21
CA GLU B 244 30.09 -20.98 5.33
C GLU B 244 30.64 -20.20 6.51
N TYR B 245 31.30 -20.89 7.45
CA TYR B 245 31.68 -20.25 8.71
C TYR B 245 33.15 -19.88 8.80
N ASP B 246 33.48 -18.99 9.75
CA ASP B 246 34.87 -18.55 9.94
C ASP B 246 35.50 -18.05 8.63
N CYS B 247 34.71 -17.37 7.79
CA CYS B 247 35.21 -16.79 6.55
C CYS B 247 35.63 -15.36 6.74
N HIS B 248 36.85 -15.05 6.33
CA HIS B 248 37.33 -13.69 6.47
C HIS B 248 37.67 -13.17 5.10
N VAL B 249 36.74 -12.45 4.48
CA VAL B 249 36.93 -12.07 3.09
C VAL B 249 37.87 -10.88 3.00
N LYS B 250 39.01 -11.07 2.34
CA LYS B 250 40.00 -10.00 2.27
C LYS B 250 39.76 -9.10 1.07
N ASN B 251 39.21 -9.64 -0.03
CA ASN B 251 38.97 -8.80 -1.20
C ASN B 251 37.99 -9.43 -2.15
N VAL B 252 37.36 -8.62 -3.00
CA VAL B 252 36.69 -9.14 -4.17
C VAL B 252 37.37 -8.42 -5.32
N GLU B 253 38.06 -9.18 -6.17
CA GLU B 253 38.74 -8.67 -7.35
C GLU B 253 37.70 -8.48 -8.44
N VAL B 254 37.69 -7.25 -8.97
CA VAL B 254 36.70 -6.79 -9.93
C VAL B 254 37.43 -6.43 -11.24
N ASP B 255 37.00 -7.02 -12.34
CA ASP B 255 37.53 -6.70 -13.66
C ASP B 255 36.75 -5.53 -14.24
N HIS B 256 37.42 -4.73 -15.07
CA HIS B 256 36.76 -3.68 -15.83
C HIS B 256 36.85 -4.05 -17.30
N GLU B 257 35.70 -4.09 -17.97
CA GLU B 257 35.64 -4.33 -19.41
C GLU B 257 34.74 -3.28 -20.01
N GLY B 258 35.33 -2.35 -20.76
CA GLY B 258 34.57 -1.21 -21.23
C GLY B 258 33.98 -0.50 -20.03
N ASP B 259 32.65 -0.33 -20.03
CA ASP B 259 31.98 0.34 -18.91
C ASP B 259 31.53 -0.66 -17.84
N SER B 260 31.74 -1.93 -18.08
CA SER B 260 31.24 -2.96 -17.17
C SER B 260 32.19 -3.22 -16.02
N LYS B 261 31.62 -3.64 -14.90
CA LYS B 261 32.41 -4.04 -13.76
C LYS B 261 31.96 -5.45 -13.40
N ILE B 262 32.89 -6.39 -13.31
CA ILE B 262 32.53 -7.79 -13.05
C ILE B 262 33.35 -8.37 -11.90
N ALA B 263 32.69 -8.82 -10.85
CA ALA B 263 33.41 -9.50 -9.77
C ALA B 263 34.01 -10.78 -10.35
N LYS B 264 35.32 -10.97 -10.15
CA LYS B 264 36.05 -12.07 -10.77
C LYS B 264 36.58 -13.05 -9.73
N LYS B 265 36.92 -12.54 -8.54
CA LYS B 265 37.49 -13.47 -7.55
C LYS B 265 37.20 -13.03 -6.12
N ILE B 266 36.85 -13.97 -5.24
CA ILE B 266 36.74 -13.67 -3.81
C ILE B 266 38.00 -14.23 -3.15
N VAL B 267 38.72 -13.38 -2.40
CA VAL B 267 39.97 -13.79 -1.74
C VAL B 267 39.71 -13.75 -0.25
N MET B 268 39.93 -14.90 0.41
CA MET B 268 39.49 -15.02 1.81
C MET B 268 40.33 -16.00 2.60
N THR B 269 40.26 -15.89 3.92
CA THR B 269 40.86 -16.89 4.80
C THR B 269 39.70 -17.57 5.49
N GLN B 270 39.66 -18.90 5.41
CA GLN B 270 38.65 -19.68 6.10
C GLN B 270 39.34 -20.79 6.88
N ASN B 271 39.03 -20.87 8.17
CA ASN B 271 39.56 -21.93 9.01
C ASN B 271 41.08 -22.04 8.92
N GLY B 272 41.77 -20.90 8.98
CA GLY B 272 43.21 -20.87 9.03
C GLY B 272 43.88 -21.05 7.68
N LYS B 273 43.08 -21.19 6.64
CA LYS B 273 43.63 -21.52 5.33
C LYS B 273 43.22 -20.48 4.29
N ASP B 274 44.16 -20.08 3.43
CA ASP B 274 43.86 -19.09 2.40
C ASP B 274 43.17 -19.78 1.25
N LYS B 275 42.08 -19.18 0.79
CA LYS B 275 41.30 -19.73 -0.30
C LYS B 275 40.90 -18.65 -1.28
N GLU B 276 40.62 -19.09 -2.51
CA GLU B 276 40.05 -18.21 -3.52
C GLU B 276 38.80 -18.85 -4.15
N ILE B 277 37.76 -18.05 -4.37
CA ILE B 277 36.63 -18.50 -5.15
C ILE B 277 36.63 -17.76 -6.48
N ASP B 278 36.79 -18.50 -7.56
CA ASP B 278 36.73 -17.88 -8.88
C ASP B 278 35.26 -17.71 -9.31
N LEU B 279 34.95 -16.57 -9.91
CA LEU B 279 33.57 -16.25 -10.28
C LEU B 279 33.37 -16.05 -11.77
N THR B 280 32.16 -16.32 -12.25
CA THR B 280 31.78 -15.90 -13.61
C THR B 280 30.77 -14.79 -13.48
N HIS B 281 30.33 -14.26 -14.61
CA HIS B 281 29.31 -13.20 -14.56
C HIS B 281 27.96 -13.72 -14.03
N ASN B 282 27.81 -15.05 -13.94
CA ASN B 282 26.60 -15.65 -13.36
C ASN B 282 26.66 -15.92 -11.85
N ASP B 283 27.78 -15.55 -11.22
CA ASP B 283 27.91 -15.68 -9.78
C ASP B 283 27.77 -14.27 -9.23
N ILE B 284 26.70 -14.05 -8.47
CA ILE B 284 26.30 -12.73 -8.05
C ILE B 284 26.78 -12.48 -6.63
N VAL B 285 27.56 -11.41 -6.44
CA VAL B 285 28.18 -11.09 -5.16
C VAL B 285 27.50 -9.94 -4.45
N PHE B 286 27.11 -10.15 -3.19
CA PHE B 286 26.46 -9.11 -2.41
C PHE B 286 27.34 -8.79 -1.22
N VAL B 287 27.88 -7.58 -1.18
CA VAL B 287 28.82 -7.19 -0.10
C VAL B 287 28.14 -6.31 0.92
N THR B 288 28.12 -6.71 2.19
CA THR B 288 27.67 -5.78 3.24
C THR B 288 28.88 -4.91 3.56
N ASN B 289 28.95 -3.71 3.00
CA ASN B 289 30.12 -2.86 3.25
C ASN B 289 30.06 -2.11 4.58
N GLY B 290 31.13 -2.21 5.37
CA GLY B 290 31.14 -1.56 6.67
C GLY B 290 30.29 -2.22 7.73
N SER B 291 30.53 -1.85 8.98
CA SER B 291 29.84 -2.44 10.12
C SER B 291 29.81 -1.48 11.31
N ILE B 292 28.68 -1.34 11.98
CA ILE B 292 28.67 -0.54 13.22
C ILE B 292 29.00 -1.37 14.46
N THR B 293 29.04 -2.70 14.31
CA THR B 293 29.28 -3.57 15.47
C THR B 293 30.69 -4.13 15.52
N GLU B 294 31.43 -4.02 14.42
CA GLU B 294 32.81 -4.50 14.34
C GLU B 294 33.72 -3.92 15.41
N SER B 295 34.66 -4.73 15.89
CA SER B 295 35.67 -4.30 16.87
C SER B 295 35.08 -3.96 18.23
N SER B 296 33.87 -4.44 18.50
CA SER B 296 33.26 -4.27 19.82
C SER B 296 34.01 -5.04 20.90
N THR B 297 34.08 -4.49 22.10
CA THR B 297 34.78 -5.13 23.23
C THR B 297 33.80 -5.23 24.40
N TYR B 298 34.08 -6.10 25.37
CA TYR B 298 33.14 -6.32 26.47
C TYR B 298 33.90 -6.19 27.77
N GLY B 299 33.26 -5.63 28.79
CA GLY B 299 33.88 -5.59 30.11
C GLY B 299 33.03 -6.51 30.96
N ASP B 300 32.99 -6.27 32.26
CA ASP B 300 32.06 -7.01 33.12
C ASP B 300 31.69 -6.17 34.34
N GLN B 301 31.11 -6.79 35.36
CA GLN B 301 30.70 -6.06 36.58
C GLN B 301 31.88 -5.24 37.13
N ASN B 302 33.08 -5.81 37.02
CA ASN B 302 34.26 -5.22 37.67
C ASN B 302 35.34 -4.72 36.73
N THR B 303 35.03 -4.66 35.44
CA THR B 303 36.05 -4.36 34.44
C THR B 303 35.44 -3.48 33.35
N PRO B 304 36.11 -2.35 33.03
CA PRO B 304 35.64 -1.59 31.87
C PRO B 304 35.85 -2.37 30.57
N ALA B 305 35.03 -2.10 29.57
CA ALA B 305 35.29 -2.62 28.23
C ALA B 305 36.53 -1.95 27.67
N PRO B 306 37.48 -2.75 27.15
CA PRO B 306 38.70 -2.27 26.49
C PRO B 306 38.38 -1.31 25.35
N ILE B 307 39.06 -0.17 25.35
CA ILE B 307 38.78 0.89 24.37
C ILE B 307 39.63 0.73 23.08
N THR B 308 39.05 1.03 21.92
CA THR B 308 39.71 0.79 20.62
C THR B 308 39.26 1.69 19.44
N ASN B 309 40.09 1.80 18.40
CA ASN B 309 39.56 2.20 17.10
C ASN B 309 40.03 1.27 15.96
N ALA B 310 40.21 -0.02 16.29
CA ALA B 310 40.71 -1.01 15.34
C ALA B 310 39.74 -1.21 14.18
N LYS B 311 40.22 -1.27 12.93
CA LYS B 311 39.31 -1.64 11.86
C LYS B 311 39.40 -3.15 11.69
N GLY B 312 38.25 -3.80 11.50
CA GLY B 312 38.26 -5.24 11.28
C GLY B 312 37.95 -5.61 9.84
N ASP B 313 37.45 -6.82 9.65
CA ASP B 313 37.35 -7.42 8.33
C ASP B 313 36.46 -6.60 7.42
N SER B 314 35.37 -6.10 7.97
CA SER B 314 34.38 -5.42 7.14
C SER B 314 34.91 -4.08 6.59
N TRP B 315 35.47 -3.27 7.48
CA TRP B 315 36.08 -2.00 7.09
C TRP B 315 37.25 -2.21 6.12
N LYS B 316 38.09 -3.19 6.39
CA LYS B 316 39.24 -3.48 5.52
C LYS B 316 38.77 -3.94 4.14
N LEU B 317 37.69 -4.72 4.10
CA LEU B 317 37.19 -5.19 2.82
C LEU B 317 36.65 -4.02 2.04
N TRP B 318 35.85 -3.17 2.69
CA TRP B 318 35.35 -2.00 1.97
C TRP B 318 36.54 -1.15 1.45
N GLU B 319 37.57 -0.96 2.26
CA GLU B 319 38.72 -0.20 1.78
C GLU B 319 39.36 -0.82 0.53
N ASN B 320 39.55 -2.15 0.56
CA ASN B 320 40.08 -2.86 -0.59
C ASN B 320 39.19 -2.75 -1.83
N LEU B 321 37.87 -2.64 -1.65
CA LEU B 321 37.01 -2.42 -2.83
C LEU B 321 37.09 -0.97 -3.32
N ALA B 322 37.17 -0.04 -2.38
CA ALA B 322 37.17 1.37 -2.72
C ALA B 322 38.39 1.69 -3.55
N LYS B 323 39.51 1.03 -3.24
CA LYS B 323 40.74 1.22 -4.03
C LYS B 323 40.57 0.88 -5.52
N GLN B 324 39.64 0.01 -5.85
CA GLN B 324 39.55 -0.53 -7.22
C GLN B 324 38.65 0.27 -8.15
N ASP B 325 37.78 1.10 -7.59
CA ASP B 325 36.88 1.87 -8.43
C ASP B 325 36.25 3.02 -7.68
N PRO B 326 36.24 4.21 -8.30
CA PRO B 326 35.71 5.40 -7.61
C PRO B 326 34.21 5.28 -7.34
N ALA B 327 33.53 4.31 -7.96
CA ALA B 327 32.11 4.09 -7.68
C ALA B 327 31.88 3.21 -6.46
N PHE B 328 32.96 2.74 -5.82
CA PHE B 328 32.80 1.79 -4.71
C PHE B 328 32.82 2.44 -3.30
N GLY B 329 32.63 3.76 -3.24
CA GLY B 329 32.46 4.44 -1.97
C GLY B 329 33.76 4.81 -1.26
N HIS B 330 33.63 5.39 -0.07
CA HIS B 330 34.74 6.00 0.67
C HIS B 330 34.54 5.70 2.16
N PRO B 331 35.00 4.53 2.61
CA PRO B 331 34.69 4.11 3.99
C PRO B 331 35.27 5.05 5.05
N ASP B 332 36.39 5.70 4.75
CA ASP B 332 37.07 6.57 5.72
C ASP B 332 36.15 7.68 6.23
N VAL B 333 35.21 8.08 5.39
CA VAL B 333 34.23 9.09 5.77
C VAL B 333 33.40 8.69 7.00
N PHE B 334 33.19 7.39 7.14
CA PHE B 334 32.32 6.87 8.19
C PHE B 334 33.06 6.28 9.37
N CYS B 335 34.29 5.84 9.16
CA CYS B 335 34.95 5.06 10.21
C CYS B 335 36.20 5.69 10.77
N GLU B 336 36.60 6.85 10.26
CA GLU B 336 37.79 7.51 10.79
C GLU B 336 37.44 8.82 11.49
N ASN B 337 38.26 9.18 12.46
CA ASN B 337 38.14 10.45 13.17
C ASN B 337 36.78 10.67 13.82
N LEU B 338 36.16 9.61 14.38
CA LEU B 338 34.95 9.82 15.14
C LEU B 338 35.32 10.61 16.39
N PRO B 339 34.52 11.64 16.72
CA PRO B 339 34.73 12.45 17.93
C PRO B 339 34.77 11.62 19.22
N GLU B 340 35.58 12.07 20.18
CA GLU B 340 35.65 11.41 21.48
C GLU B 340 34.32 11.48 22.21
N ARG B 341 33.51 12.46 21.85
CA ARG B 341 32.21 12.64 22.50
C ARG B 341 31.21 11.59 22.04
N SER B 342 31.49 10.90 20.93
CA SER B 342 30.49 9.96 20.37
C SER B 342 30.04 8.90 21.37
N TRP B 343 28.78 8.51 21.22
CA TRP B 343 28.27 7.30 21.87
C TRP B 343 29.21 6.16 21.54
N PHE B 344 29.65 5.44 22.57
CA PHE B 344 30.51 4.27 22.40
C PHE B 344 29.98 3.12 23.25
N VAL B 345 29.43 3.46 24.41
CA VAL B 345 29.16 2.44 25.44
C VAL B 345 27.69 2.15 25.59
N SER B 346 27.36 0.86 25.61
CA SER B 346 26.02 0.41 26.00
C SER B 346 26.25 -0.62 27.10
N ALA B 347 25.28 -0.85 27.97
CA ALA B 347 25.46 -1.84 29.02
C ALA B 347 24.15 -2.58 29.23
N THR B 348 24.22 -3.82 29.69
CA THR B 348 23.01 -4.44 30.16
C THR B 348 23.17 -4.73 31.62
N ALA B 349 22.17 -4.32 32.39
CA ALA B 349 22.15 -4.55 33.82
C ALA B 349 21.04 -5.56 34.10
N THR B 350 21.40 -6.65 34.75
CA THR B 350 20.44 -7.68 35.10
C THR B 350 20.12 -7.52 36.57
N LEU B 351 18.86 -7.20 36.88
CA LEU B 351 18.42 -7.12 38.28
C LEU B 351 18.17 -8.55 38.74
N GLU B 352 18.77 -8.92 39.87
CA GLU B 352 18.69 -10.31 40.33
C GLU B 352 17.54 -10.60 41.29
N ASN B 353 16.89 -9.55 41.82
CA ASN B 353 15.80 -9.71 42.79
C ASN B 353 14.95 -8.44 42.68
N LYS B 354 14.06 -8.20 43.63
CA LYS B 354 13.14 -7.05 43.46
C LYS B 354 13.53 -5.79 44.22
N LYS B 355 14.74 -5.74 44.77
CA LYS B 355 15.10 -4.61 45.64
C LYS B 355 15.07 -3.26 44.95
N LEU B 356 15.42 -3.22 43.67
CA LEU B 356 15.42 -1.95 42.96
C LEU B 356 14.16 -1.71 42.16
N ALA B 357 13.25 -2.68 42.12
CA ALA B 357 12.11 -2.57 41.20
C ALA B 357 11.32 -1.27 41.45
N PRO B 358 11.08 -0.87 42.72
CA PRO B 358 10.29 0.37 42.85
C PRO B 358 10.91 1.60 42.21
N TYR B 359 12.23 1.62 42.08
CA TYR B 359 12.84 2.79 41.45
C TYR B 359 12.54 2.93 39.96
N PHE B 360 12.18 1.82 39.32
CA PHE B 360 11.71 1.86 37.94
C PHE B 360 10.18 1.95 37.87
N GLU B 361 9.52 1.22 38.78
CA GLU B 361 8.05 1.18 38.77
C GLU B 361 7.44 2.54 39.12
N ARG B 362 8.15 3.33 39.94
CA ARG B 362 7.63 4.65 40.32
C ARG B 362 7.54 5.52 39.07
N LEU B 363 8.48 5.31 38.14
CA LEU B 363 8.52 6.07 36.88
C LEU B 363 7.47 5.58 35.92
N THR B 364 7.45 4.27 35.67
CA THR B 364 6.52 3.75 34.66
C THR B 364 5.07 3.62 35.16
N LYS B 365 4.85 3.65 36.47
CA LYS B 365 3.51 3.39 37.04
C LYS B 365 2.99 1.99 36.67
N ARG B 366 3.91 1.07 36.34
CA ARG B 366 3.52 -0.28 35.91
C ARG B 366 4.31 -1.31 36.67
N SER B 367 3.69 -2.44 36.96
CA SER B 367 4.44 -3.56 37.58
C SER B 367 5.53 -4.00 36.62
N LEU B 368 6.71 -4.28 37.15
CA LEU B 368 7.78 -4.84 36.30
C LEU B 368 7.57 -6.31 35.98
N TYR B 369 6.64 -6.98 36.67
CA TYR B 369 6.62 -8.45 36.70
C TYR B 369 5.41 -9.11 36.03
N ASP B 370 4.71 -8.40 35.15
CA ASP B 370 3.51 -8.95 34.55
C ASP B 370 3.69 -9.34 33.07
N GLY B 371 4.92 -9.22 32.56
CA GLY B 371 5.21 -9.69 31.22
C GLY B 371 4.85 -8.72 30.13
N LYS B 372 4.37 -7.54 30.51
CA LYS B 372 3.91 -6.54 29.54
C LYS B 372 4.89 -5.39 29.51
N VAL B 373 4.73 -4.48 28.55
CA VAL B 373 5.71 -3.40 28.37
C VAL B 373 5.93 -2.59 29.64
N ASN B 374 7.15 -2.05 29.76
CA ASN B 374 7.60 -1.38 30.98
C ASN B 374 7.88 0.09 30.72
N THR B 375 9.10 0.44 30.31
CA THR B 375 9.38 1.84 30.01
C THR B 375 8.85 2.27 28.63
N GLY B 376 8.52 1.32 27.76
CA GLY B 376 7.99 1.64 26.44
C GLY B 376 9.05 2.21 25.53
N GLY B 377 10.32 1.99 25.86
CA GLY B 377 11.37 2.69 25.14
C GLY B 377 12.26 3.42 26.13
N ILE B 378 13.25 4.15 25.63
CA ILE B 378 14.20 4.77 26.57
C ILE B 378 13.57 5.85 27.44
N ILE B 379 14.04 5.91 28.69
CA ILE B 379 13.86 7.08 29.54
C ILE B 379 15.19 7.81 29.54
N THR B 380 15.17 9.12 29.29
CA THR B 380 16.40 9.90 29.25
C THR B 380 16.52 10.77 30.50
N ILE B 381 17.69 10.73 31.14
CA ILE B 381 17.92 11.54 32.33
C ILE B 381 18.52 12.83 31.81
N VAL B 382 17.70 13.88 31.71
CA VAL B 382 18.10 15.05 30.92
C VAL B 382 19.21 15.84 31.59
N ASP B 383 19.30 15.74 32.91
CA ASP B 383 20.39 16.44 33.58
C ASP B 383 21.57 15.55 33.98
N SER B 384 21.65 14.35 33.41
CA SER B 384 22.85 13.54 33.58
C SER B 384 23.95 14.05 32.65
N ASN B 385 25.17 14.05 33.15
CA ASN B 385 26.28 14.57 32.37
C ASN B 385 26.58 13.68 31.16
N TRP B 386 26.29 12.39 31.28
CA TRP B 386 26.52 11.48 30.16
C TRP B 386 25.40 11.51 29.15
N GLU B 387 24.29 12.19 29.45
CA GLU B 387 23.04 12.03 28.69
C GLU B 387 22.69 10.53 28.65
N LEU B 388 22.53 10.00 29.85
CA LEU B 388 22.26 8.60 30.11
C LEU B 388 20.78 8.32 29.83
N SER B 389 20.50 7.30 29.03
CA SER B 389 19.14 6.82 28.80
C SER B 389 19.10 5.33 29.10
N PHE B 390 17.93 4.82 29.46
CA PHE B 390 17.81 3.40 29.79
C PHE B 390 16.43 2.87 29.40
N THR B 391 16.34 1.59 29.05
CA THR B 391 15.04 1.05 28.69
C THR B 391 14.86 -0.32 29.32
N ILE B 392 13.63 -0.66 29.62
CA ILE B 392 13.31 -2.00 30.08
C ILE B 392 12.22 -2.48 29.12
N HIS B 393 12.60 -3.38 28.21
CA HIS B 393 11.64 -3.98 27.27
C HIS B 393 10.62 -4.83 28.01
N ARG B 394 9.57 -5.26 27.31
CA ARG B 394 8.74 -6.34 27.86
C ARG B 394 9.65 -7.52 28.18
N GLN B 395 9.34 -8.23 29.26
CA GLN B 395 10.20 -9.26 29.81
C GLN B 395 9.58 -10.65 29.77
N PRO B 396 10.41 -11.69 29.65
CA PRO B 396 11.88 -11.64 29.62
C PRO B 396 12.37 -11.21 28.24
N HIS B 397 13.50 -10.52 28.21
CA HIS B 397 14.08 -10.10 26.94
C HIS B 397 14.91 -11.24 26.35
N PHE B 398 15.43 -12.09 27.24
CA PHE B 398 16.18 -13.30 26.84
C PHE B 398 15.47 -14.49 27.43
N LYS B 399 15.26 -15.53 26.63
CA LYS B 399 14.48 -16.68 27.09
C LYS B 399 15.13 -17.38 28.30
N SER B 400 16.44 -17.21 28.44
CA SER B 400 17.15 -17.86 29.56
C SER B 400 17.03 -17.12 30.90
N GLN B 401 16.36 -15.97 30.94
CA GLN B 401 16.16 -15.25 32.22
C GLN B 401 15.40 -16.09 33.21
N ASN B 402 15.82 -16.09 34.48
CA ASN B 402 15.01 -16.73 35.50
C ASN B 402 13.82 -15.80 35.83
N PRO B 403 12.72 -16.33 36.41
CA PRO B 403 11.52 -15.51 36.56
C PRO B 403 11.72 -14.24 37.40
N ASP B 404 12.74 -14.18 38.26
CA ASP B 404 12.95 -12.98 39.07
C ASP B 404 13.93 -11.98 38.43
N GLN B 405 14.49 -12.33 37.27
CA GLN B 405 15.43 -11.41 36.61
C GLN B 405 14.74 -10.43 35.67
N ILE B 406 15.24 -9.20 35.67
CA ILE B 406 14.75 -8.17 34.75
C ILE B 406 15.97 -7.58 34.09
N VAL B 407 15.93 -7.44 32.76
CA VAL B 407 17.09 -6.90 32.04
C VAL B 407 16.86 -5.45 31.60
N VAL B 408 17.78 -4.57 32.00
CA VAL B 408 17.74 -3.14 31.72
C VAL B 408 18.85 -2.80 30.74
N TRP B 409 18.56 -2.01 29.71
N TRP B 409 18.54 -2.03 29.71
CA TRP B 409 19.59 -1.61 28.78
CA TRP B 409 19.55 -1.54 28.79
C TRP B 409 19.92 -0.14 28.98
C TRP B 409 19.92 -0.13 29.18
N ILE B 410 21.21 0.20 29.03
CA ILE B 410 21.70 1.53 29.39
C ILE B 410 22.67 2.05 28.31
N TYR B 411 22.52 3.31 27.92
N TYR B 411 22.54 3.33 27.97
CA TYR B 411 23.48 3.91 26.99
CA TYR B 411 23.42 3.92 26.97
C TYR B 411 23.71 5.39 27.24
C TYR B 411 23.78 5.33 27.40
N ALA B 412 24.92 5.83 26.92
CA ALA B 412 25.27 7.24 27.09
C ALA B 412 25.53 7.87 25.75
N LEU B 413 24.80 8.96 25.46
CA LEU B 413 25.07 9.71 24.24
C LEU B 413 26.44 10.43 24.21
N TYR B 414 26.97 10.83 25.37
CA TYR B 414 28.21 11.59 25.43
C TYR B 414 29.25 10.76 26.15
N SER B 415 30.42 10.58 25.55
CA SER B 415 31.45 9.71 26.14
C SER B 415 32.59 10.51 26.69
N ASP B 416 32.50 11.83 26.61
CA ASP B 416 33.64 12.65 27.03
C ASP B 416 33.38 13.46 28.30
N THR B 417 32.34 13.10 29.05
CA THR B 417 31.95 13.86 30.25
C THR B 417 32.02 13.00 31.49
N GLU B 418 32.43 13.60 32.62
CA GLU B 418 32.43 12.86 33.89
C GLU B 418 31.00 12.78 34.42
N GLY B 419 30.66 11.67 35.08
CA GLY B 419 29.30 11.47 35.58
C GLY B 419 29.01 12.45 36.71
N ASN B 420 27.75 12.54 37.11
CA ASN B 420 27.36 13.38 38.25
C ASN B 420 27.79 12.77 39.60
N TYR B 421 27.70 11.46 39.69
CA TYR B 421 27.99 10.76 40.95
C TYR B 421 29.29 10.00 40.83
N ILE B 422 29.38 9.18 39.78
CA ILE B 422 30.65 8.53 39.45
C ILE B 422 31.44 9.48 38.58
N LYS B 423 32.50 10.05 39.14
CA LYS B 423 33.17 11.16 38.45
C LYS B 423 34.17 10.68 37.38
N LYS B 424 33.68 9.90 36.40
CA LYS B 424 34.53 9.32 35.35
C LYS B 424 33.75 9.38 34.05
N ARG B 425 34.44 9.35 32.91
CA ARG B 425 33.73 9.21 31.62
C ARG B 425 33.23 7.80 31.53
N ILE B 426 32.08 7.59 30.88
CA ILE B 426 31.51 6.24 30.80
C ILE B 426 32.49 5.20 30.24
N VAL B 427 33.34 5.63 29.31
CA VAL B 427 34.26 4.70 28.66
C VAL B 427 35.34 4.17 29.61
N ASP B 428 35.45 4.76 30.79
CA ASP B 428 36.43 4.30 31.77
C ASP B 428 35.80 3.51 32.93
N CYS B 429 34.51 3.25 32.79
CA CYS B 429 33.74 2.70 33.93
C CYS B 429 33.57 1.19 33.82
N THR B 430 33.64 0.52 34.97
CA THR B 430 33.17 -0.85 35.11
C THR B 430 31.64 -0.90 34.96
N GLY B 431 31.11 -2.10 34.79
CA GLY B 431 29.66 -2.28 34.81
C GLY B 431 29.04 -1.75 36.08
N LYS B 432 29.66 -2.11 37.21
CA LYS B 432 29.13 -1.69 38.50
C LYS B 432 29.05 -0.16 38.57
N GLU B 433 30.08 0.55 38.08
CA GLU B 433 30.09 2.01 38.10
C GLU B 433 29.01 2.66 37.24
N ILE B 434 28.75 2.06 36.08
CA ILE B 434 27.65 2.53 35.27
C ILE B 434 26.31 2.36 36.02
N ALA B 435 26.10 1.18 36.62
CA ALA B 435 24.94 0.97 37.50
C ALA B 435 24.82 2.02 38.64
N GLU B 436 25.94 2.35 39.27
CA GLU B 436 25.92 3.31 40.37
C GLU B 436 25.50 4.69 39.90
N GLU B 437 26.01 5.10 38.73
CA GLU B 437 25.59 6.40 38.18
C GLU B 437 24.05 6.38 37.87
N LEU B 438 23.61 5.31 37.24
CA LEU B 438 22.16 5.15 37.07
C LEU B 438 21.32 5.23 38.40
N LEU B 439 21.72 4.48 39.42
CA LEU B 439 20.95 4.42 40.67
C LEU B 439 20.96 5.80 41.31
N TYR B 440 22.09 6.50 41.24
CA TYR B 440 22.09 7.90 41.68
C TYR B 440 20.98 8.68 40.99
N HIS B 441 20.90 8.60 39.67
CA HIS B 441 19.86 9.37 38.99
C HIS B 441 18.42 8.87 39.23
N LEU B 442 18.27 7.66 39.76
CA LEU B 442 16.93 7.13 40.08
C LEU B 442 16.49 7.57 41.47
N GLY B 443 17.37 8.24 42.20
CA GLY B 443 17.01 8.68 43.55
C GLY B 443 17.24 7.68 44.68
N VAL B 444 18.08 6.68 44.44
CA VAL B 444 18.46 5.73 45.48
C VAL B 444 19.35 6.51 46.45
N PRO B 445 19.09 6.39 47.77
CA PRO B 445 19.96 7.09 48.70
C PRO B 445 21.42 6.68 48.49
N GLU B 446 22.32 7.64 48.53
CA GLU B 446 23.72 7.36 48.17
C GLU B 446 24.37 6.33 49.08
N SER B 447 23.93 6.24 50.33
CA SER B 447 24.53 5.28 51.26
C SER B 447 24.24 3.83 50.87
N GLN B 448 23.22 3.63 50.02
CA GLN B 448 22.73 2.30 49.66
C GLN B 448 23.23 1.91 48.25
N ILE B 449 23.76 2.86 47.51
CA ILE B 449 24.07 2.62 46.10
C ILE B 449 25.11 1.54 45.86
N SER B 450 26.22 1.56 46.61
CA SER B 450 27.26 0.55 46.45
C SER B 450 26.72 -0.87 46.63
N GLU B 451 25.92 -1.10 47.68
CA GLU B 451 25.41 -2.45 47.90
C GLU B 451 24.36 -2.82 46.86
N LEU B 452 23.46 -1.90 46.55
CA LEU B 452 22.39 -2.23 45.59
C LEU B 452 22.93 -2.48 44.18
N ALA B 453 24.09 -1.91 43.84
CA ALA B 453 24.66 -2.14 42.50
C ALA B 453 25.60 -3.35 42.49
N SER B 454 25.84 -3.93 43.67
CA SER B 454 26.71 -5.11 43.80
C SER B 454 26.10 -6.36 43.18
N GLU B 455 26.94 -7.36 42.91
CA GLU B 455 26.51 -8.48 42.05
C GLU B 455 25.37 -9.34 42.59
N GLU B 456 25.24 -9.46 43.91
CA GLU B 456 24.11 -10.16 44.49
C GLU B 456 22.78 -9.54 44.02
N ASN B 457 22.82 -8.27 43.65
CA ASN B 457 21.58 -7.54 43.35
C ASN B 457 21.48 -7.11 41.90
N MET B 458 22.62 -6.72 41.34
CA MET B 458 22.67 -6.28 39.93
C MET B 458 23.93 -6.81 39.30
N ASN B 459 23.84 -7.32 38.07
CA ASN B 459 25.06 -7.65 37.35
C ASN B 459 25.08 -6.85 36.06
N THR B 460 26.08 -5.99 35.87
CA THR B 460 26.05 -5.06 34.72
C THR B 460 27.27 -5.26 33.83
N VAL B 461 27.04 -5.40 32.52
CA VAL B 461 28.05 -5.72 31.53
C VAL B 461 28.10 -4.61 30.47
N PRO B 462 29.22 -3.89 30.43
CA PRO B 462 29.38 -2.82 29.45
C PRO B 462 29.99 -3.34 28.16
N VAL B 463 29.64 -2.70 27.05
CA VAL B 463 30.21 -2.98 25.75
C VAL B 463 30.68 -1.68 25.13
N TYR B 464 31.88 -1.70 24.57
CA TYR B 464 32.43 -0.56 23.84
C TYR B 464 32.37 -0.87 22.37
N MET B 465 31.63 -0.05 21.64
CA MET B 465 31.48 -0.20 20.19
C MET B 465 32.00 1.02 19.43
N PRO B 466 33.21 0.92 18.85
CA PRO B 466 33.87 2.09 18.25
C PRO B 466 33.05 2.75 17.14
N TYR B 467 32.27 1.94 16.41
CA TYR B 467 31.58 2.40 15.21
C TYR B 467 30.08 2.53 15.36
N ILE B 468 29.57 2.48 16.58
CA ILE B 468 28.10 2.51 16.75
C ILE B 468 27.43 3.75 16.14
N THR B 469 28.14 4.87 16.03
CA THR B 469 27.54 6.11 15.47
C THR B 469 27.91 6.34 14.00
N SER B 470 28.55 5.33 13.38
CA SER B 470 29.13 5.55 12.05
C SER B 470 28.10 5.72 10.93
N TYR B 471 26.89 5.18 11.08
CA TYR B 471 25.94 5.27 9.97
C TYR B 471 25.61 6.72 9.64
N PHE B 472 25.70 7.58 10.66
CA PHE B 472 25.17 8.95 10.57
C PHE B 472 26.27 9.99 10.27
N MET B 473 27.49 9.57 9.96
CA MET B 473 28.53 10.58 9.72
C MET B 473 28.15 11.44 8.47
N PRO B 474 28.50 12.75 8.48
CA PRO B 474 28.11 13.61 7.33
C PRO B 474 28.72 13.07 6.03
N ARG B 475 27.93 13.02 4.96
CA ARG B 475 28.41 12.40 3.74
C ARG B 475 28.17 13.26 2.52
N ARG B 476 28.88 12.95 1.45
CA ARG B 476 28.70 13.58 0.15
C ARG B 476 28.40 12.51 -0.88
N ASP B 477 27.89 12.92 -2.04
N ASP B 477 27.88 12.93 -2.03
CA ASP B 477 27.56 11.99 -3.12
CA ASP B 477 27.56 12.01 -3.11
C ASP B 477 28.80 11.16 -3.42
C ASP B 477 28.79 11.16 -3.43
N GLY B 478 28.61 9.84 -3.45
CA GLY B 478 29.69 8.95 -3.78
C GLY B 478 30.34 8.30 -2.57
N ASP B 479 30.06 8.81 -1.37
CA ASP B 479 30.70 8.22 -0.19
C ASP B 479 30.10 6.83 0.09
N ARG B 480 28.80 6.68 -0.12
CA ARG B 480 28.15 5.35 -0.07
C ARG B 480 28.02 4.86 -1.50
N PRO B 481 28.49 3.64 -1.77
CA PRO B 481 28.34 3.12 -3.15
C PRO B 481 26.88 2.83 -3.45
N ASP B 482 26.46 3.00 -4.69
CA ASP B 482 25.11 2.61 -5.06
C ASP B 482 24.92 1.12 -4.79
N VAL B 483 23.71 0.74 -4.41
CA VAL B 483 23.44 -0.68 -4.20
C VAL B 483 23.87 -1.54 -5.40
N VAL B 484 23.51 -1.12 -6.62
CA VAL B 484 24.14 -1.70 -7.80
C VAL B 484 24.84 -0.60 -8.60
N PRO B 485 26.16 -0.51 -8.45
CA PRO B 485 26.96 0.53 -9.11
C PRO B 485 26.77 0.49 -10.63
N GLU B 486 26.79 1.67 -11.26
CA GLU B 486 26.58 1.77 -12.71
C GLU B 486 27.50 0.80 -13.44
N GLY B 487 26.95 0.01 -14.36
CA GLY B 487 27.77 -0.92 -15.14
C GLY B 487 28.10 -2.23 -14.46
N SER B 488 27.64 -2.40 -13.22
CA SER B 488 27.96 -3.63 -12.47
C SER B 488 27.18 -4.81 -13.03
N ILE B 489 27.89 -5.90 -13.35
CA ILE B 489 27.23 -7.07 -13.94
C ILE B 489 26.79 -8.06 -12.84
N ASN B 490 27.61 -8.19 -11.80
CA ASN B 490 27.34 -9.20 -10.79
C ASN B 490 27.76 -8.80 -9.37
N LEU B 491 27.76 -7.50 -9.08
CA LEU B 491 28.20 -7.03 -7.74
C LEU B 491 27.21 -6.02 -7.18
N ALA B 492 26.79 -6.22 -5.93
CA ALA B 492 25.93 -5.27 -5.26
C ALA B 492 26.50 -4.93 -3.88
N PHE B 493 26.12 -3.78 -3.35
CA PHE B 493 26.47 -3.38 -2.00
C PHE B 493 25.17 -3.36 -1.22
N ILE B 494 25.15 -3.92 -0.01
CA ILE B 494 23.92 -3.98 0.73
C ILE B 494 24.16 -3.54 2.18
N GLY B 495 23.09 -3.19 2.87
CA GLY B 495 23.19 -2.77 4.25
C GLY B 495 23.18 -1.26 4.41
N ASN B 496 23.34 -0.79 5.64
CA ASN B 496 23.13 0.63 5.95
C ASN B 496 24.29 1.59 5.57
N PHE B 497 25.35 1.09 4.93
CA PHE B 497 26.33 1.99 4.26
C PHE B 497 26.26 1.95 2.74
N ALA B 498 25.23 1.31 2.18
CA ALA B 498 25.05 1.32 0.75
C ALA B 498 24.03 2.41 0.44
N GLU B 499 24.03 2.90 -0.79
CA GLU B 499 23.13 3.98 -1.20
C GLU B 499 21.95 3.44 -2.00
N SER B 500 20.81 3.27 -1.33
CA SER B 500 19.57 3.00 -2.05
C SER B 500 19.24 4.28 -2.81
N PRO B 501 18.68 4.15 -4.02
CA PRO B 501 18.25 5.31 -4.83
C PRO B 501 17.10 6.10 -4.19
N THR B 502 16.49 5.55 -3.15
CA THR B 502 15.39 6.23 -2.48
C THR B 502 15.83 7.22 -1.40
N ARG B 503 14.85 7.82 -0.74
CA ARG B 503 15.14 8.74 0.37
C ARG B 503 15.10 8.02 1.70
N ASP B 504 15.31 6.70 1.72
CA ASP B 504 15.11 5.95 2.96
C ASP B 504 16.22 6.24 4.01
N THR B 505 15.88 5.88 5.25
CA THR B 505 16.66 6.27 6.39
C THR B 505 17.51 5.13 6.93
N VAL B 506 18.79 5.40 7.17
CA VAL B 506 19.68 4.41 7.76
C VAL B 506 19.56 4.33 9.28
N PHE B 507 20.34 3.41 9.87
CA PHE B 507 20.17 2.94 11.23
C PHE B 507 18.75 2.35 11.43
N THR B 508 18.24 1.69 10.40
CA THR B 508 16.97 0.96 10.53
C THR B 508 17.12 -0.41 9.90
N THR B 509 16.45 -1.40 10.46
CA THR B 509 16.46 -2.72 9.82
C THR B 509 15.70 -2.69 8.50
N GLU B 510 14.70 -1.80 8.41
CA GLU B 510 14.03 -1.57 7.12
C GLU B 510 15.00 -1.27 5.97
N TYR B 511 15.96 -0.37 6.20
CA TYR B 511 16.96 -0.04 5.16
C TYR B 511 17.78 -1.27 4.74
N SER B 512 18.13 -2.12 5.69
CA SER B 512 18.83 -3.37 5.38
C SER B 512 18.02 -4.21 4.38
N VAL B 513 16.75 -4.42 4.77
CA VAL B 513 15.88 -5.24 3.90
C VAL B 513 15.70 -4.60 2.53
N ARG B 514 15.54 -3.27 2.50
CA ARG B 514 15.36 -2.56 1.25
C ARG B 514 16.52 -2.75 0.34
N THR B 515 17.74 -2.57 0.87
CA THR B 515 18.91 -2.76 0.01
C THR B 515 18.99 -4.19 -0.52
N ALA B 516 18.69 -5.17 0.33
CA ALA B 516 18.62 -6.55 -0.15
C ALA B 516 17.62 -6.73 -1.32
N MET B 517 16.41 -6.23 -1.15
CA MET B 517 15.41 -6.36 -2.20
C MET B 517 15.83 -5.65 -3.47
N GLU B 518 16.36 -4.43 -3.34
CA GLU B 518 16.82 -3.66 -4.51
C GLU B 518 17.93 -4.39 -5.26
N ALA B 519 18.89 -4.91 -4.50
CA ALA B 519 20.02 -5.63 -5.11
C ALA B 519 19.56 -6.88 -5.85
N VAL B 520 18.75 -7.70 -5.17
CA VAL B 520 18.28 -8.93 -5.80
C VAL B 520 17.40 -8.65 -7.01
N TYR B 521 16.45 -7.74 -6.87
CA TYR B 521 15.50 -7.51 -7.96
C TYR B 521 16.22 -6.93 -9.15
N THR B 522 17.19 -6.04 -8.88
CA THR B 522 17.95 -5.47 -9.99
C THR B 522 18.84 -6.50 -10.69
N LEU B 523 19.67 -7.22 -9.94
CA LEU B 523 20.68 -8.08 -10.56
C LEU B 523 20.11 -9.37 -11.12
N LEU B 524 19.01 -9.84 -10.54
CA LEU B 524 18.41 -11.08 -11.03
C LEU B 524 17.22 -10.85 -11.93
N ASN B 525 16.85 -9.59 -12.20
CA ASN B 525 15.71 -9.28 -13.09
C ASN B 525 14.36 -9.80 -12.58
N VAL B 526 14.09 -9.62 -11.29
CA VAL B 526 12.82 -10.04 -10.71
C VAL B 526 11.77 -9.02 -11.12
N ASP B 527 10.71 -9.45 -11.82
CA ASP B 527 9.71 -8.52 -12.37
C ASP B 527 8.50 -8.34 -11.43
N ARG B 528 8.70 -7.52 -10.41
CA ARG B 528 7.70 -7.19 -9.38
C ARG B 528 8.21 -5.89 -8.79
N GLY B 529 7.31 -5.02 -8.35
CA GLY B 529 7.73 -3.75 -7.76
C GLY B 529 8.34 -3.87 -6.37
N VAL B 530 9.32 -3.00 -6.10
CA VAL B 530 9.89 -2.86 -4.76
C VAL B 530 9.08 -1.69 -4.14
N PRO B 531 8.54 -1.87 -2.92
CA PRO B 531 7.75 -0.74 -2.41
C PRO B 531 8.58 0.52 -2.27
N GLU B 532 8.04 1.64 -2.75
CA GLU B 532 8.75 2.91 -2.55
C GLU B 532 8.77 3.19 -1.04
N VAL B 533 9.58 4.14 -0.60
CA VAL B 533 9.51 4.57 0.79
C VAL B 533 8.06 5.03 1.02
N PHE B 534 7.46 4.66 2.15
CA PHE B 534 6.05 4.98 2.36
C PHE B 534 5.84 6.49 2.26
N ASP B 535 4.86 6.90 1.46
CA ASP B 535 4.86 8.27 0.95
C ASP B 535 4.17 9.27 1.86
N SER B 536 4.32 9.13 3.17
CA SER B 536 3.60 10.01 4.09
C SER B 536 4.00 11.50 3.95
N ILE B 537 5.25 11.80 3.55
CA ILE B 537 5.69 13.19 3.37
C ILE B 537 4.97 13.89 2.19
N TYR B 538 4.37 13.10 1.31
CA TYR B 538 3.68 13.66 0.14
C TYR B 538 2.18 13.70 0.36
N ASP B 539 1.72 13.13 1.47
CA ASP B 539 0.32 13.04 1.80
C ASP B 539 -0.10 14.33 2.51
N ILE B 540 -0.91 15.15 1.87
CA ILE B 540 -1.27 16.44 2.46
C ILE B 540 -1.96 16.32 3.83
N ARG B 541 -2.64 15.20 4.06
CA ARG B 541 -3.25 14.95 5.38
C ARG B 541 -2.18 14.90 6.46
N GLN B 542 -1.05 14.28 6.13
CA GLN B 542 0.10 14.19 7.04
C GLN B 542 0.84 15.50 7.20
N LEU B 543 0.99 16.26 6.13
CA LEU B 543 1.57 17.61 6.27
C LEU B 543 0.74 18.43 7.28
N LEU B 544 -0.58 18.48 7.06
CA LEU B 544 -1.46 19.15 8.03
C LEU B 544 -1.40 18.59 9.49
N ARG B 545 -1.52 17.28 9.64
CA ARG B 545 -1.41 16.64 10.95
C ARG B 545 -0.08 16.97 11.65
N ALA B 546 1.03 16.92 10.91
CA ALA B 546 2.36 17.20 11.46
C ALA B 546 2.42 18.62 11.97
N MET B 547 1.89 19.54 11.18
CA MET B 547 1.85 20.93 11.66
C MET B 547 1.09 21.01 12.98
N TYR B 548 -0.03 20.28 13.05
CA TYR B 548 -0.80 20.29 14.31
C TYR B 548 0.01 19.72 15.51
N TYR B 549 0.59 18.52 15.39
CA TYR B 549 1.27 17.92 16.55
C TYR B 549 2.61 18.56 16.91
N MET B 550 3.34 19.01 15.92
CA MET B 550 4.67 19.62 16.14
C MET B 550 4.51 20.90 16.97
N SER B 551 3.37 21.57 16.79
CA SER B 551 3.12 22.80 17.54
C SER B 551 2.47 22.55 18.92
N ASP B 552 2.43 21.27 19.34
CA ASP B 552 1.76 20.86 20.59
C ASP B 552 0.26 21.14 20.53
N LYS B 553 -0.32 20.79 19.38
CA LYS B 553 -1.77 20.86 19.17
C LYS B 553 -2.31 22.30 19.27
N LYS B 554 -1.75 23.18 18.42
CA LYS B 554 -2.23 24.55 18.30
C LYS B 554 -3.05 24.72 17.00
N LYS B 555 -3.97 25.67 17.01
CA LYS B 555 -4.91 25.83 15.89
C LYS B 555 -4.31 26.62 14.71
N ASP B 558 -2.72 30.83 15.53
CA ASP B 558 -2.42 30.09 16.76
C ASP B 558 -0.98 29.61 16.77
N GLN B 559 -0.57 28.98 15.68
CA GLN B 559 0.78 28.45 15.53
C GLN B 559 1.74 29.50 14.94
N LYS B 575 -15.46 32.90 4.80
CA LYS B 575 -16.80 32.95 5.37
C LYS B 575 -17.64 31.80 4.81
N ILE B 576 -18.03 31.92 3.54
CA ILE B 576 -18.62 30.81 2.81
C ILE B 576 -17.48 29.85 2.49
N LYS B 577 -16.37 30.44 2.06
CA LYS B 577 -15.15 29.69 1.75
C LYS B 577 -14.55 29.04 3.00
N LYS B 578 -14.67 29.72 4.15
CA LYS B 578 -14.26 29.14 5.43
C LYS B 578 -15.03 27.85 5.68
N THR B 579 -16.34 27.93 5.54
CA THR B 579 -17.23 26.79 5.67
C THR B 579 -16.90 25.65 4.68
N TRP B 580 -16.59 25.97 3.42
CA TRP B 580 -16.19 24.92 2.49
C TRP B 580 -14.82 24.31 2.86
N VAL B 581 -13.94 25.10 3.47
CA VAL B 581 -12.63 24.59 3.92
C VAL B 581 -12.82 23.60 5.08
N GLU B 582 -13.72 23.97 5.99
CA GLU B 582 -14.10 23.10 7.10
C GLU B 582 -14.74 21.80 6.59
N GLU B 583 -15.64 21.94 5.62
CA GLU B 583 -16.32 20.78 5.05
C GLU B 583 -15.34 19.87 4.36
N LEU B 584 -14.36 20.46 3.68
CA LEU B 584 -13.33 19.67 3.03
C LEU B 584 -12.45 18.95 4.04
N LEU B 585 -12.07 19.68 5.09
CA LEU B 585 -11.22 19.08 6.11
C LEU B 585 -11.94 17.89 6.75
N LYS B 586 -13.25 18.06 6.98
CA LYS B 586 -14.08 17.01 7.56
C LYS B 586 -14.20 15.82 6.62
N GLU B 587 -14.32 16.12 5.34
CA GLU B 587 -14.36 15.11 4.30
C GLU B 587 -13.08 14.27 4.28
N ALA B 588 -11.95 14.88 4.61
CA ALA B 588 -10.68 14.15 4.67
C ALA B 588 -10.33 13.68 6.10
N ASN B 589 -11.31 13.69 6.99
CA ASN B 589 -11.14 13.27 8.39
C ASN B 589 -10.07 14.05 9.15
N LEU B 590 -9.78 15.28 8.74
CA LEU B 590 -8.76 16.04 9.44
C LEU B 590 -9.37 16.76 10.62
N VAL B 591 -10.69 16.93 10.59
CA VAL B 591 -11.46 17.45 11.71
C VAL B 591 -12.74 16.65 11.91
C1 MRD C . -19.62 0.01 -21.85
C2 MRD C . -19.35 1.48 -21.55
O2 MRD C . -19.06 1.55 -20.12
CM MRD C . -18.09 1.91 -22.27
C3 MRD C . -20.62 2.34 -21.82
C4 MRD C . -20.91 3.06 -23.17
O4 MRD C . -22.32 3.19 -23.35
C5 MRD C . -20.34 2.46 -24.45
C1 MPD D . -19.95 2.47 -24.20
C2 MPD D . -20.78 3.02 -23.04
O2 MPD D . -20.27 4.33 -22.70
CM MPD D . -22.24 3.16 -23.46
C3 MPD D . -20.66 2.10 -21.81
C4 MPD D . -19.27 1.51 -21.59
O4 MPD D . -18.82 1.77 -20.27
C5 MPD D . -19.28 0.00 -21.80
C1 MPD E . -11.12 0.49 -13.70
C2 MPD E . -11.63 1.91 -13.93
O2 MPD E . -12.05 1.98 -15.32
CM MPD E . -12.88 2.15 -13.10
C3 MPD E . -10.49 2.87 -13.54
C4 MPD E . -10.02 4.04 -14.42
O4 MPD E . -8.69 4.37 -14.09
C5 MPD E . -10.06 3.91 -15.94
C1 GOL F . -20.28 -4.34 -20.35
O1 GOL F . -20.15 -5.39 -21.30
C2 GOL F . -21.45 -4.62 -19.40
O2 GOL F . -20.94 -5.01 -18.15
C3 GOL F . -22.34 -5.74 -19.90
O3 GOL F . -23.50 -5.14 -20.40
C1 GOL G . -38.54 4.75 -21.02
O1 GOL G . -37.25 4.93 -20.49
C2 GOL G . -39.33 3.78 -20.16
O2 GOL G . -38.51 3.19 -19.16
C3 GOL G . -39.89 2.67 -21.04
O3 GOL G . -40.24 3.27 -22.26
C1 GOL H . -8.92 7.81 2.02
C1 GOL H . -8.98 7.80 2.09
O1 GOL H . -8.09 7.83 0.87
O1 GOL H . -8.13 7.79 0.93
C2 GOL H . -10.38 8.14 1.69
C2 GOL H . -10.45 8.08 1.75
O2 GOL H . -10.67 9.49 1.96
O2 GOL H . -10.75 9.48 1.86
C3 GOL H . -11.40 7.23 2.40
C3 GOL H . -11.46 7.23 2.56
O3 GOL H . -12.70 7.75 2.22
O3 GOL H . -11.22 5.83 2.51
C1 GOL I . -22.87 -7.81 -6.39
C1 GOL I . -19.84 -5.46 -9.85
O1 GOL I . -24.13 -7.83 -7.01
O1 GOL I . -20.42 -6.05 -8.71
C2 GOL I . -22.23 -6.46 -6.61
C2 GOL I . -20.62 -4.22 -10.24
O2 GOL I . -21.57 -6.59 -7.85
O2 GOL I . -19.77 -3.29 -10.89
C3 GOL I . -23.37 -5.46 -6.71
C3 GOL I . -21.70 -4.63 -11.22
O3 GOL I . -22.92 -4.13 -6.74
O3 GOL I . -21.14 -4.55 -12.50
C1 EIC J . -11.98 27.91 -5.61
C2 EIC J . -10.69 27.77 -6.34
C3 EIC J . -9.75 27.03 -5.44
C4 EIC J . -8.73 26.30 -6.23
C5 EIC J . -7.82 25.60 -5.28
C6 EIC J . -6.40 25.77 -5.68
C7 EIC J . -5.65 24.58 -5.20
C8 EIC J . -5.88 23.45 -6.14
C9 EIC J . -6.16 22.22 -5.36
C10 EIC J . -5.58 20.91 -5.76
C11 EIC J . -5.58 20.52 -7.20
C12 EIC J . -6.85 19.81 -7.48
C13 EIC J . -6.90 18.78 -8.55
C14 EIC J . -5.68 18.50 -9.36
C15 EIC J . -6.14 18.03 -10.70
C16 EIC J . -7.07 16.88 -10.53
C17 EIC J . -8.01 16.81 -11.68
C18 EIC J . -8.21 15.37 -12.05
O1 EIC J . -12.09 28.74 -4.51
O2 EIC J . -13.09 27.21 -6.03
NA NA K . -1.18 9.90 -13.99
P PO4 L . -3.14 -19.94 -2.98
O1 PO4 L . -2.39 -19.83 -4.28
O2 PO4 L . -3.49 -21.39 -2.70
O3 PO4 L . -2.28 -19.39 -1.87
O4 PO4 L . -4.41 -19.11 -3.08
C1 MPD M . -7.44 17.62 -3.80
C2 MPD M . -7.23 17.74 -2.31
O2 MPD M . -6.82 16.44 -1.80
CM MPD M . -6.12 18.75 -2.05
C3 MPD M . -8.50 18.16 -1.61
C4 MPD M . -9.60 17.13 -1.78
O4 MPD M . -9.26 15.96 -1.08
C5 MPD M . -10.92 17.68 -1.24
C1 GOL N . -29.71 -12.23 -43.15
O1 GOL N . -30.23 -10.96 -42.83
C2 GOL N . -29.46 -13.12 -41.95
O2 GOL N . -28.47 -12.57 -41.11
C3 GOL N . -30.72 -13.40 -41.13
O3 GOL N . -30.39 -14.14 -39.97
C1 GOL O . -4.31 6.83 7.05
O1 GOL O . -5.24 7.55 6.28
C2 GOL O . -5.14 5.78 7.75
O2 GOL O . -5.51 4.84 6.77
C3 GOL O . -6.40 6.49 8.19
O3 GOL O . -6.29 6.61 9.58
NA NA P . 1.35 -12.82 7.50
O1 MES Q . -13.31 -23.33 23.49
C2 MES Q . -12.94 -21.94 23.57
C3 MES Q . -14.16 -21.05 23.85
N4 MES Q . -15.05 -21.22 22.70
C5 MES Q . -15.17 -22.53 22.06
C6 MES Q . -14.65 -23.59 23.03
C7 MES Q . -15.89 -20.12 22.26
C8 MES Q . -15.45 -19.80 20.83
S MES Q . -16.34 -18.53 20.21
O1S MES Q . -17.70 -18.51 20.79
O2S MES Q . -16.44 -18.68 18.73
O3S MES Q . -15.59 -17.30 20.55
P PO4 R . -20.70 10.79 -40.81
O1 PO4 R . -21.29 10.69 -42.20
O2 PO4 R . -21.41 11.89 -40.05
O3 PO4 R . -20.90 9.48 -40.07
O4 PO4 R . -19.23 11.10 -40.88
K K S . -4.15 -8.87 -30.93
C1 MPD T . 13.07 4.20 13.31
C2 MPD T . 11.87 4.30 14.23
O2 MPD T . 11.22 3.00 14.21
CM MPD T . 12.42 4.58 15.60
C3 MPD T . 10.92 5.39 13.75
C4 MPD T . 9.84 5.79 14.74
O4 MPD T . 10.38 6.45 15.86
C5 MPD T . 8.82 6.73 14.11
O1 MES U . -4.19 2.89 34.15
C2 MES U . -3.82 3.18 35.49
C3 MES U . -3.46 1.93 36.29
N4 MES U . -2.47 1.14 35.56
C5 MES U . -2.62 0.98 34.11
C6 MES U . -3.98 1.55 33.70
C7 MES U . -1.73 0.16 36.37
C8 MES U . -0.72 -0.66 35.56
S MES U . -0.22 -2.05 36.36
O1S MES U . -0.12 -1.86 37.80
O2S MES U . 1.09 -2.44 35.83
O3S MES U . -1.24 -3.10 36.05
O1 MES V . 27.53 14.21 45.43
C2 MES V . 27.57 13.77 44.07
C3 MES V . 26.85 14.72 43.13
N4 MES V . 27.36 16.06 43.38
C5 MES V . 27.18 16.56 44.74
C6 MES V . 27.91 15.58 45.66
C7 MES V . 27.31 17.04 42.30
C8 MES V . 26.05 16.76 41.49
S MES V . 25.93 17.67 40.08
O1S MES V . 27.14 18.50 39.89
O2S MES V . 24.74 18.53 40.13
O3S MES V . 25.80 16.76 38.93
C1 GOL W . -12.02 7.14 6.03
O1 GOL W . -11.73 5.97 5.30
C2 GOL W . -13.40 7.64 5.67
O2 GOL W . -13.44 9.04 5.81
C3 GOL W . -14.40 7.06 6.66
O3 GOL W . -14.58 8.01 7.70
C1 GOL X . 30.67 21.08 5.64
O1 GOL X . 29.81 22.15 5.33
C2 GOL X . 31.14 21.22 7.08
O2 GOL X . 32.37 21.92 7.17
C3 GOL X . 31.20 19.87 7.81
O3 GOL X . 31.91 19.99 9.03
C1 GOL Y . 5.09 21.62 5.00
O1 GOL Y . 5.65 21.26 3.75
C2 GOL Y . 6.06 21.26 6.11
O2 GOL Y . 7.17 20.59 5.57
C3 GOL Y . 5.37 20.36 7.14
O3 GOL Y . 6.37 19.76 7.93
C TRS Z . 22.75 -2.21 20.19
C1 TRS Z . 22.24 -3.31 21.12
C2 TRS Z . 23.52 -2.84 19.03
C3 TRS Z . 21.58 -1.38 19.66
N TRS Z . 23.64 -1.37 20.98
O1 TRS Z . 23.31 -4.16 21.43
O2 TRS Z . 22.94 -2.42 17.81
O3 TRS Z . 20.95 -0.72 20.73
P PO4 AA . 5.26 5.68 -7.78
O1 PO4 AA . 6.78 5.60 -7.91
O2 PO4 AA . 4.67 5.89 -9.14
O3 PO4 AA . 4.76 4.39 -7.17
O4 PO4 AA . 4.87 6.81 -6.86
C1 GOL BA . 22.74 -3.56 7.55
O1 GOL BA . 23.83 -2.65 7.74
C2 GOL BA . 22.79 -4.77 8.48
O2 GOL BA . 23.11 -5.91 7.73
C3 GOL BA . 21.49 -5.11 9.20
O3 GOL BA . 20.94 -4.05 9.97
N NO3 CA . 3.57 -19.18 6.06
O1 NO3 CA . 4.59 -18.36 6.60
O2 NO3 CA . 2.44 -18.62 5.47
O3 NO3 CA . 3.69 -20.57 6.11
C1 MPD DA . 19.37 4.90 20.01
C2 MPD DA . 19.75 4.97 21.50
O2 MPD DA . 18.62 5.50 22.24
CM MPD DA . 20.00 3.57 22.00
C3 MPD DA . 20.93 5.93 21.65
C4 MPD DA . 21.56 5.97 23.05
O4 MPD DA . 22.70 6.82 23.10
C5 MPD DA . 20.59 6.44 24.12
P PO4 EA . 11.20 7.20 -2.97
O1 PO4 EA . 11.08 7.19 -4.49
O2 PO4 EA . 10.12 8.10 -2.37
O3 PO4 EA . 11.01 5.79 -2.47
O4 PO4 EA . 12.52 7.79 -2.57
K K FA . 4.89 -4.10 32.77
#